data_3HOS
#
_entry.id   3HOS
#
_cell.length_a   121.232
_cell.length_b   85.033
_cell.length_c   131.273
_cell.angle_alpha   90.000
_cell.angle_beta   98.930
_cell.angle_gamma   90.000
#
_symmetry.space_group_name_H-M   'P 1 21 1'
#
loop_
_entity.id
_entity.type
_entity.pdbx_description
1 polymer 'Transposable element mariner, complete cds'
2 polymer 'Mos1 NTS inverted repeat DNA'
3 polymer 'Mos1 TS inverted repeat DNA'
4 non-polymer 'MAGNESIUM ION'
5 non-polymer 'SULFATE ION'
6 water water
#
loop_
_entity_poly.entity_id
_entity_poly.type
_entity_poly.pdbx_seq_one_letter_code
_entity_poly.pdbx_strand_id
1 'polypeptide(L)'
;MSSFVPNKEQTRTVLIFCFHLKKTAAESHRMLVEAFGEQVPTVKTCERWFQRFKSGDFDVDDKEHGKPPKRYEDAELQAL
LDEDDAQTQKQLAEQLEVSQQAVSNRLREMGKIQKVGRWVPHELNERQMERRKNTCEILLSRYKRKSFLHRIVTGDEKWI
FFVNPKRKKSYVDPGQPATSTARPNRFGKKTMLCVWWDQSGVIYYELLKPGETVNAARYQQQLINLNRALQRKRPEYQKR
QHRVIFLHDNAPSHTARAVRDTLETLNWEVLPHAAYSPDLAPSDYHLFASMGHALAEQRFDSYESVKKWLDEWFAAKDDE
FYWRGIHKLPERWEKCVASDGKYFE
;
A,B
2 'polydeoxyribonucleotide'
;(DG)(DG)(DT)(DG)(DT)(DA)(DC)(DA)(DA)(DG)(DT)(DA)(DT)(DG)(DA)(DA)(DA)(DT)(DG)(DT)
(DC)(DG)(DT)(DT)(DT)
;
C,E,G
3 'polydeoxyribonucleotide'
;(DA)(DA)(DA)(DC)(DG)(DA)(DC)(DA)(DT)(DT)(DT)(DC)(DA)(DT)(DA)(DC)(DT)(DT)(DG)(DT)
(DA)(DC)(DA)(DC)(DC)(DT)(DG)(DA)
;
D,F,H
#
# COMPACT_ATOMS: atom_id res chain seq x y z
N VAL A 5 42.09 -15.87 -31.30
CA VAL A 5 42.71 -15.54 -29.99
C VAL A 5 41.99 -16.32 -28.84
N PRO A 6 42.75 -16.55 -27.73
CA PRO A 6 42.33 -17.16 -26.48
C PRO A 6 42.08 -16.20 -25.37
N ASN A 7 41.78 -16.79 -24.21
CA ASN A 7 41.42 -16.07 -22.99
C ASN A 7 42.03 -16.76 -21.78
N LYS A 8 41.29 -16.77 -20.67
CA LYS A 8 41.72 -17.46 -19.44
C LYS A 8 40.97 -18.78 -19.30
N GLU A 9 39.70 -18.73 -19.64
CA GLU A 9 38.88 -19.92 -19.58
C GLU A 9 39.39 -20.87 -20.66
N GLN A 10 39.16 -20.51 -21.91
CA GLN A 10 39.56 -21.30 -23.06
C GLN A 10 40.98 -21.80 -22.87
N THR A 11 41.88 -20.91 -22.51
CA THR A 11 43.25 -21.31 -22.28
C THR A 11 43.30 -22.54 -21.40
N ARG A 12 42.87 -22.39 -20.18
CA ARG A 12 42.81 -23.53 -19.30
C ARG A 12 42.33 -24.76 -20.10
N THR A 13 41.33 -24.57 -20.95
CA THR A 13 40.79 -25.66 -21.75
C THR A 13 41.87 -26.26 -22.63
N VAL A 14 42.69 -25.43 -23.21
CA VAL A 14 43.80 -25.94 -24.05
C VAL A 14 44.64 -26.98 -23.29
N LEU A 15 45.12 -26.56 -22.12
CA LEU A 15 45.96 -27.42 -21.28
C LEU A 15 45.18 -28.64 -20.73
N ILE A 16 43.97 -28.82 -21.22
CA ILE A 16 43.20 -30.01 -20.94
C ILE A 16 43.45 -30.90 -22.14
N PHE A 17 43.37 -30.27 -23.31
CA PHE A 17 43.67 -30.92 -24.58
C PHE A 17 45.05 -31.52 -24.45
N CYS A 18 46.04 -30.64 -24.42
CA CYS A 18 47.44 -31.00 -24.33
C CYS A 18 47.74 -32.14 -23.35
N PHE A 19 47.22 -31.98 -22.15
CA PHE A 19 47.40 -32.98 -21.10
C PHE A 19 47.11 -34.33 -21.72
N HIS A 20 45.83 -34.53 -22.04
CA HIS A 20 45.35 -35.78 -22.61
C HIS A 20 46.20 -36.31 -23.74
N LEU A 21 46.90 -35.41 -24.42
CA LEU A 21 47.79 -35.79 -25.50
C LEU A 21 49.18 -36.03 -24.95
N LYS A 22 49.26 -36.56 -23.74
CA LYS A 22 50.53 -36.90 -23.12
C LYS A 22 51.64 -35.91 -23.52
N LYS A 23 51.25 -34.68 -23.84
CA LYS A 23 52.21 -33.63 -24.17
C LYS A 23 52.66 -32.99 -22.88
N THR A 24 53.85 -32.41 -22.89
CA THR A 24 54.37 -31.89 -21.64
C THR A 24 53.96 -30.48 -21.45
N ALA A 25 54.04 -30.08 -20.20
CA ALA A 25 53.84 -28.70 -19.81
C ALA A 25 54.67 -27.84 -20.73
N ALA A 26 55.95 -27.78 -20.41
CA ALA A 26 56.83 -26.92 -21.16
C ALA A 26 56.67 -27.21 -22.66
N GLU A 27 56.05 -28.32 -23.03
CA GLU A 27 55.76 -28.59 -24.44
C GLU A 27 54.47 -27.91 -24.83
N SER A 28 53.40 -28.20 -24.12
CA SER A 28 52.11 -27.57 -24.42
C SER A 28 52.35 -26.10 -24.59
N HIS A 29 53.10 -25.54 -23.64
CA HIS A 29 53.39 -24.13 -23.62
C HIS A 29 53.92 -23.69 -24.96
N ARG A 30 54.97 -24.36 -25.40
CA ARG A 30 55.61 -24.04 -26.67
C ARG A 30 54.48 -23.81 -27.68
N MET A 31 53.65 -24.84 -27.90
CA MET A 31 52.60 -24.78 -28.91
C MET A 31 51.79 -23.53 -28.67
N LEU A 32 51.26 -23.47 -27.47
CA LEU A 32 50.45 -22.37 -27.01
C LEU A 32 50.95 -21.01 -27.49
N VAL A 33 52.27 -20.81 -27.49
CA VAL A 33 52.80 -19.55 -28.00
C VAL A 33 52.72 -19.48 -29.52
N GLU A 34 53.18 -20.53 -30.18
CA GLU A 34 53.15 -20.56 -31.64
C GLU A 34 51.69 -20.56 -32.05
N ALA A 35 50.85 -21.09 -31.16
CA ALA A 35 49.42 -21.17 -31.43
C ALA A 35 48.81 -19.79 -31.65
N PHE A 36 48.60 -19.07 -30.57
CA PHE A 36 48.02 -17.77 -30.69
C PHE A 36 49.13 -16.73 -30.80
N GLY A 37 49.73 -16.40 -29.66
CA GLY A 37 50.77 -15.40 -29.57
C GLY A 37 51.57 -15.51 -28.28
N GLU A 38 52.44 -14.54 -28.06
CA GLU A 38 53.29 -14.53 -26.85
C GLU A 38 52.45 -13.99 -25.68
N GLN A 39 51.27 -13.49 -26.03
CA GLN A 39 50.35 -12.94 -25.04
C GLN A 39 49.53 -14.10 -24.47
N VAL A 40 50.21 -15.06 -23.88
CA VAL A 40 49.59 -16.27 -23.37
C VAL A 40 50.24 -16.56 -22.00
N PRO A 41 49.49 -17.20 -21.06
CA PRO A 41 50.02 -17.46 -19.73
C PRO A 41 51.50 -17.95 -19.61
N THR A 42 52.00 -17.81 -18.38
CA THR A 42 53.36 -18.17 -18.09
C THR A 42 53.44 -19.67 -17.92
N VAL A 43 54.40 -20.24 -18.63
CA VAL A 43 54.74 -21.67 -18.56
C VAL A 43 54.54 -22.20 -17.17
N LYS A 44 55.09 -21.44 -16.22
CA LYS A 44 54.93 -21.70 -14.80
C LYS A 44 53.51 -22.15 -14.63
N THR A 45 52.62 -21.21 -14.90
CA THR A 45 51.20 -21.44 -14.78
C THR A 45 50.79 -22.86 -15.27
N CYS A 46 51.08 -23.17 -16.52
CA CYS A 46 50.79 -24.49 -17.06
C CYS A 46 51.20 -25.60 -16.06
N GLU A 47 52.48 -25.60 -15.74
CA GLU A 47 53.01 -26.58 -14.82
C GLU A 47 51.99 -26.70 -13.68
N ARG A 48 51.67 -25.56 -13.06
CA ARG A 48 50.76 -25.54 -11.91
C ARG A 48 49.52 -26.26 -12.29
N TRP A 49 48.95 -25.83 -13.41
CA TRP A 49 47.73 -26.42 -13.96
C TRP A 49 47.87 -27.91 -14.05
N PHE A 50 49.02 -28.36 -14.54
CA PHE A 50 49.26 -29.78 -14.68
C PHE A 50 48.96 -30.49 -13.37
N GLN A 51 49.70 -30.13 -12.32
CA GLN A 51 49.52 -30.73 -10.99
C GLN A 51 48.05 -30.88 -10.63
N ARG A 52 47.24 -29.89 -11.01
CA ARG A 52 45.82 -29.93 -10.73
C ARG A 52 45.17 -31.10 -11.48
N PHE A 53 45.80 -31.50 -12.57
CA PHE A 53 45.30 -32.62 -13.35
C PHE A 53 45.76 -33.96 -12.81
N LYS A 54 46.99 -34.02 -12.34
CA LYS A 54 47.52 -35.24 -11.77
C LYS A 54 46.49 -35.77 -10.79
N SER A 55 45.78 -34.84 -10.15
CA SER A 55 44.71 -35.14 -9.21
C SER A 55 43.37 -35.24 -9.91
N GLY A 56 43.34 -34.81 -11.17
CA GLY A 56 42.13 -34.87 -11.96
C GLY A 56 41.17 -33.76 -11.58
N ASP A 57 41.69 -32.71 -10.96
CA ASP A 57 40.85 -31.57 -10.58
C ASP A 57 40.52 -30.71 -11.80
N PHE A 58 39.88 -31.31 -12.80
CA PHE A 58 39.41 -30.58 -13.97
C PHE A 58 38.66 -29.32 -13.53
N ASP A 59 39.37 -28.20 -13.48
CA ASP A 59 38.78 -26.97 -13.00
C ASP A 59 37.53 -26.61 -13.79
N VAL A 60 36.38 -26.79 -13.18
CA VAL A 60 35.11 -26.46 -13.82
C VAL A 60 34.95 -24.95 -13.78
N ASP A 61 35.32 -24.36 -12.65
CA ASP A 61 35.24 -22.93 -12.44
C ASP A 61 36.30 -22.51 -11.44
N ASP A 62 36.61 -21.22 -11.43
CA ASP A 62 37.61 -20.65 -10.51
C ASP A 62 37.23 -20.92 -9.06
N LYS A 63 37.80 -20.18 -8.12
CA LYS A 63 37.45 -20.34 -6.69
C LYS A 63 37.45 -19.06 -5.87
N GLU A 64 36.35 -18.86 -5.14
CA GLU A 64 36.17 -17.67 -4.31
C GLU A 64 37.48 -17.31 -3.62
N HIS A 65 37.87 -16.05 -3.78
CA HIS A 65 39.11 -15.56 -3.17
C HIS A 65 38.91 -14.50 -2.07
N GLY A 66 39.66 -13.41 -2.16
CA GLY A 66 39.61 -12.38 -1.15
C GLY A 66 38.21 -11.84 -0.99
N LYS A 67 37.90 -11.41 0.24
CA LYS A 67 36.61 -10.82 0.61
C LYS A 67 36.68 -10.15 2.00
N PRO A 68 36.12 -8.93 2.13
CA PRO A 68 35.97 -8.30 3.44
C PRO A 68 35.19 -9.16 4.42
N PRO A 69 35.44 -8.94 5.70
CA PRO A 69 34.76 -9.72 6.70
C PRO A 69 33.41 -9.07 6.96
N LYS A 70 32.40 -9.88 7.25
CA LYS A 70 31.06 -9.36 7.51
C LYS A 70 31.13 -8.37 8.66
N ARG A 71 30.62 -7.17 8.40
CA ARG A 71 30.56 -6.11 9.40
C ARG A 71 29.69 -6.57 10.55
N TYR A 72 28.50 -7.05 10.23
CA TYR A 72 27.59 -7.51 11.25
C TYR A 72 27.09 -8.87 10.91
N GLU A 73 27.31 -9.81 11.83
CA GLU A 73 26.95 -11.21 11.65
C GLU A 73 25.51 -11.30 11.18
N ASP A 74 25.16 -12.42 10.58
CA ASP A 74 23.83 -12.56 10.03
C ASP A 74 22.74 -12.60 11.09
N ALA A 75 22.59 -13.70 11.83
CA ALA A 75 21.48 -13.77 12.80
C ALA A 75 21.52 -12.64 13.84
N GLU A 76 22.43 -11.68 13.66
CA GLU A 76 22.57 -10.56 14.57
C GLU A 76 21.46 -9.55 14.29
N LEU A 77 21.42 -9.09 13.04
CA LEU A 77 20.38 -8.19 12.57
C LEU A 77 19.04 -8.87 12.63
N GLN A 78 19.04 -10.18 12.43
CA GLN A 78 17.81 -10.99 12.54
C GLN A 78 17.34 -11.08 13.99
N ALA A 79 18.28 -10.94 14.92
CA ALA A 79 17.94 -10.94 16.31
C ALA A 79 17.27 -9.62 16.73
N LEU A 80 17.47 -8.58 15.96
CA LEU A 80 16.80 -7.31 16.26
C LEU A 80 15.36 -7.30 15.73
N LEU A 81 15.06 -8.22 14.82
CA LEU A 81 13.72 -8.29 14.29
C LEU A 81 12.88 -8.97 15.35
N ASP A 82 13.52 -9.86 16.09
CA ASP A 82 12.81 -10.60 17.12
C ASP A 82 12.33 -9.67 18.23
N GLU A 83 13.10 -8.61 18.47
CA GLU A 83 12.69 -7.57 19.40
C GLU A 83 11.51 -6.87 18.76
N ASP A 84 11.77 -5.77 18.06
CA ASP A 84 10.73 -5.06 17.34
C ASP A 84 10.67 -5.59 15.91
N ASP A 85 9.72 -6.48 15.71
CA ASP A 85 9.39 -7.07 14.41
C ASP A 85 9.52 -6.08 13.28
N ALA A 86 9.00 -4.87 13.46
CA ALA A 86 9.02 -3.87 12.40
C ALA A 86 9.67 -2.57 12.80
N GLN A 87 10.95 -2.47 12.49
CA GLN A 87 11.63 -1.21 12.55
C GLN A 87 11.88 -0.74 11.11
N THR A 88 12.49 0.44 10.96
CA THR A 88 12.86 0.95 9.65
C THR A 88 14.33 0.60 9.40
N GLN A 89 14.74 0.56 8.14
CA GLN A 89 16.13 0.21 7.85
C GLN A 89 16.99 1.26 8.52
N LYS A 90 16.65 2.50 8.26
CA LYS A 90 17.39 3.59 8.86
C LYS A 90 17.61 3.33 10.34
N GLN A 91 16.78 2.49 10.93
CA GLN A 91 16.79 2.25 12.38
C GLN A 91 17.57 1.03 12.77
N LEU A 92 17.35 -0.05 12.06
CA LEU A 92 18.13 -1.24 12.31
C LEU A 92 19.57 -0.90 12.02
N ALA A 93 19.76 -0.21 10.91
CA ALA A 93 21.06 0.29 10.50
C ALA A 93 21.78 0.97 11.65
N GLU A 94 21.19 2.09 12.06
CA GLU A 94 21.74 2.97 13.10
C GLU A 94 21.93 2.25 14.44
N GLN A 95 21.79 0.93 14.44
CA GLN A 95 21.99 0.13 15.63
C GLN A 95 23.05 -0.89 15.39
N LEU A 96 23.50 -0.96 14.15
CA LEU A 96 24.54 -1.88 13.75
C LEU A 96 25.66 -1.07 13.07
N GLU A 97 25.72 0.21 13.42
CA GLU A 97 26.74 1.16 12.94
C GLU A 97 27.07 0.96 11.46
N VAL A 98 26.03 0.69 10.68
CA VAL A 98 26.18 0.39 9.27
C VAL A 98 25.19 1.21 8.48
N SER A 99 25.60 1.66 7.31
CA SER A 99 24.71 2.38 6.41
C SER A 99 23.42 1.66 6.21
N GLN A 100 22.38 2.41 5.86
CA GLN A 100 21.09 1.80 5.60
C GLN A 100 21.16 0.90 4.40
N GLN A 101 21.50 1.49 3.26
CA GLN A 101 21.54 0.72 2.02
C GLN A 101 21.96 -0.71 2.42
N ALA A 102 23.05 -0.73 3.15
CA ALA A 102 23.67 -1.92 3.69
C ALA A 102 22.68 -2.94 4.24
N VAL A 103 21.77 -2.43 5.05
CA VAL A 103 20.76 -3.27 5.61
C VAL A 103 19.86 -3.79 4.54
N SER A 104 19.26 -2.87 3.77
CA SER A 104 18.35 -3.26 2.73
C SER A 104 18.76 -4.62 2.27
N ASN A 105 20.03 -4.74 1.96
CA ASN A 105 20.50 -5.96 1.34
C ASN A 105 20.54 -7.16 2.32
N ARG A 106 21.13 -7.02 3.51
CA ARG A 106 21.31 -8.26 4.29
C ARG A 106 19.94 -8.80 4.53
N LEU A 107 18.97 -7.89 4.54
CA LEU A 107 17.59 -8.29 4.65
C LEU A 107 17.32 -9.03 3.38
N ARG A 108 17.55 -8.35 2.28
CA ARG A 108 17.27 -8.90 0.97
C ARG A 108 17.79 -10.32 0.97
N GLU A 109 19.03 -10.49 1.45
CA GLU A 109 19.71 -11.76 1.41
C GLU A 109 18.91 -12.80 2.15
N MET A 110 18.60 -12.51 3.40
CA MET A 110 17.76 -13.42 4.20
C MET A 110 16.38 -13.38 3.56
N GLY A 111 15.64 -14.48 3.67
CA GLY A 111 14.35 -14.55 3.00
C GLY A 111 13.35 -13.63 3.64
N LYS A 112 13.67 -12.34 3.72
CA LYS A 112 12.88 -11.41 4.53
C LYS A 112 12.20 -10.39 3.65
N ILE A 113 10.89 -10.28 3.82
CA ILE A 113 10.06 -9.29 3.12
C ILE A 113 9.20 -8.57 4.10
N GLN A 114 8.79 -7.35 3.73
CA GLN A 114 7.96 -6.52 4.59
C GLN A 114 6.52 -6.57 4.12
N LYS A 115 5.59 -6.57 5.07
CA LYS A 115 4.18 -6.59 4.73
C LYS A 115 3.47 -5.78 5.75
N VAL A 116 2.46 -5.01 5.35
CA VAL A 116 1.81 -4.08 6.27
C VAL A 116 0.91 -4.86 7.16
N GLY A 117 0.64 -4.32 8.34
CA GLY A 117 -0.08 -5.09 9.37
C GLY A 117 -1.57 -5.18 9.13
N ARG A 118 -2.25 -5.99 9.96
CA ARG A 118 -3.68 -6.10 9.92
C ARG A 118 -4.24 -4.99 10.80
N TRP A 119 -5.43 -4.49 10.47
CA TRP A 119 -6.11 -3.50 11.29
C TRP A 119 -6.94 -4.33 12.23
N VAL A 120 -7.30 -3.77 13.38
CA VAL A 120 -8.19 -4.52 14.25
C VAL A 120 -9.07 -3.70 15.25
N PRO A 121 -10.37 -4.00 15.28
CA PRO A 121 -11.53 -3.37 15.91
C PRO A 121 -11.31 -2.45 17.05
N HIS A 122 -10.53 -2.87 18.05
CA HIS A 122 -10.38 -2.07 19.29
C HIS A 122 -9.36 -2.65 20.26
N GLU A 123 -8.70 -1.80 21.05
CA GLU A 123 -7.80 -2.30 22.10
C GLU A 123 -8.55 -3.03 23.21
N LEU A 124 -8.30 -4.32 23.37
CA LEU A 124 -9.06 -5.09 24.34
C LEU A 124 -8.44 -5.02 25.72
N ASN A 125 -9.06 -4.22 26.58
CA ASN A 125 -8.61 -4.07 27.95
C ASN A 125 -8.54 -5.42 28.64
N GLU A 126 -7.38 -5.69 29.24
CA GLU A 126 -7.08 -6.92 29.98
C GLU A 126 -8.37 -7.64 30.32
N ARG A 127 -9.33 -6.90 30.89
CA ARG A 127 -10.62 -7.44 31.30
C ARG A 127 -11.37 -7.94 30.08
N GLN A 128 -11.64 -7.01 29.17
CA GLN A 128 -12.47 -7.24 27.96
C GLN A 128 -12.18 -8.55 27.26
N MET A 129 -10.93 -8.99 27.31
CA MET A 129 -10.54 -10.24 26.69
C MET A 129 -11.05 -11.39 27.53
N GLU A 130 -10.85 -11.32 28.84
CA GLU A 130 -11.39 -12.37 29.68
C GLU A 130 -12.80 -12.68 29.19
N ARG A 131 -13.62 -11.65 29.12
CA ARG A 131 -15.03 -11.79 28.76
C ARG A 131 -15.14 -12.72 27.56
N ARG A 132 -14.46 -12.36 26.49
CA ARG A 132 -14.51 -13.13 25.27
C ARG A 132 -14.11 -14.59 25.46
N LYS A 133 -13.01 -14.84 26.14
CA LYS A 133 -12.53 -16.20 26.24
C LYS A 133 -13.65 -17.08 26.78
N ASN A 134 -14.34 -16.60 27.82
CA ASN A 134 -15.47 -17.34 28.41
C ASN A 134 -16.61 -17.42 27.43
N THR A 135 -17.24 -16.28 27.14
CA THR A 135 -18.31 -16.25 26.16
C THR A 135 -18.15 -17.34 25.08
N CYS A 136 -16.97 -17.42 24.48
CA CYS A 136 -16.69 -18.46 23.51
C CYS A 136 -16.65 -19.76 24.28
N GLU A 137 -15.58 -19.92 25.04
CA GLU A 137 -15.41 -21.09 25.91
C GLU A 137 -16.73 -21.85 26.05
N ILE A 138 -17.73 -21.08 26.49
CA ILE A 138 -19.08 -21.55 26.75
C ILE A 138 -19.79 -22.03 25.48
N LEU A 139 -20.01 -21.13 24.55
CA LEU A 139 -20.64 -21.55 23.30
C LEU A 139 -19.96 -22.80 22.80
N LEU A 140 -18.66 -22.73 22.73
CA LEU A 140 -17.95 -23.85 22.26
C LEU A 140 -18.39 -25.06 23.10
N SER A 141 -18.46 -24.88 24.42
CA SER A 141 -18.93 -25.97 25.27
C SER A 141 -20.31 -26.41 24.86
N ARG A 142 -21.26 -25.49 24.83
CA ARG A 142 -22.59 -25.81 24.33
C ARG A 142 -22.57 -26.56 22.99
N TYR A 143 -21.65 -26.24 22.11
CA TYR A 143 -21.62 -26.89 20.82
C TYR A 143 -21.30 -28.36 20.95
N LYS A 144 -20.32 -28.72 21.78
CA LYS A 144 -19.95 -30.13 21.97
C LYS A 144 -21.16 -30.98 22.31
N ARG A 145 -22.02 -30.43 23.18
CA ARG A 145 -23.24 -31.11 23.56
C ARG A 145 -24.14 -31.29 22.34
N LYS A 146 -24.60 -30.16 21.79
CA LYS A 146 -25.42 -30.20 20.59
C LYS A 146 -25.08 -29.13 19.54
N SER A 147 -25.49 -29.37 18.30
CA SER A 147 -25.21 -28.50 17.15
C SER A 147 -26.36 -27.52 16.93
N PHE A 148 -26.40 -26.49 17.75
CA PHE A 148 -27.46 -25.49 17.66
C PHE A 148 -27.40 -24.45 16.51
N LEU A 149 -26.55 -24.63 15.53
CA LEU A 149 -26.52 -23.74 14.40
C LEU A 149 -27.77 -23.94 13.54
N HIS A 150 -28.07 -25.22 13.34
CA HIS A 150 -29.18 -25.64 12.51
C HIS A 150 -30.45 -24.89 12.86
N ARG A 151 -30.31 -23.86 13.70
CA ARG A 151 -31.43 -23.10 14.22
C ARG A 151 -31.00 -21.71 14.68
N ILE A 152 -29.88 -21.27 14.18
CA ILE A 152 -29.33 -20.03 14.67
C ILE A 152 -29.71 -18.93 13.69
N VAL A 153 -30.21 -17.82 14.21
CA VAL A 153 -30.54 -16.68 13.36
C VAL A 153 -29.87 -15.45 13.90
N THR A 154 -29.13 -14.78 13.05
CA THR A 154 -28.41 -13.62 13.51
C THR A 154 -28.50 -12.52 12.47
N GLY A 155 -28.06 -11.34 12.90
CA GLY A 155 -28.13 -10.15 12.10
C GLY A 155 -27.50 -8.97 12.82
N ASP A 156 -26.92 -8.07 12.04
CA ASP A 156 -26.37 -6.83 12.57
C ASP A 156 -26.70 -5.81 11.50
N GLU A 157 -26.25 -4.58 11.66
CA GLU A 157 -26.62 -3.54 10.72
C GLU A 157 -25.37 -2.87 10.21
N LYS A 158 -25.43 -2.47 8.95
CA LYS A 158 -24.30 -1.83 8.30
C LYS A 158 -24.74 -0.78 7.31
N TRP A 159 -23.92 0.27 7.17
CA TRP A 159 -24.27 1.37 6.27
C TRP A 159 -24.06 1.01 4.82
N ILE A 160 -24.45 1.89 3.92
CA ILE A 160 -24.17 1.70 2.51
C ILE A 160 -24.17 3.04 1.82
N PHE A 161 -23.03 3.61 1.51
CA PHE A 161 -23.07 4.95 0.92
C PHE A 161 -23.44 4.74 -0.53
N PHE A 162 -23.78 5.81 -1.24
CA PHE A 162 -24.28 5.67 -2.60
C PHE A 162 -23.14 5.74 -3.57
N VAL A 163 -22.06 6.35 -3.13
CA VAL A 163 -20.86 6.35 -3.94
C VAL A 163 -19.77 5.71 -3.10
N ASN A 164 -19.05 4.76 -3.68
CA ASN A 164 -17.93 4.08 -2.99
C ASN A 164 -16.67 4.14 -3.85
N PRO A 165 -15.89 5.21 -3.70
CA PRO A 165 -14.75 5.44 -4.50
C PRO A 165 -13.61 4.67 -3.93
N LYS A 166 -12.71 4.32 -4.83
CA LYS A 166 -11.63 3.43 -4.56
C LYS A 166 -10.42 4.09 -5.20
N ARG A 167 -9.34 4.16 -4.45
CA ARG A 167 -8.09 4.69 -4.98
C ARG A 167 -7.68 3.81 -6.14
N LYS A 168 -7.47 4.37 -7.32
CA LYS A 168 -7.14 3.52 -8.46
C LYS A 168 -5.66 3.05 -8.53
N LYS A 169 -5.41 1.91 -9.18
CA LYS A 169 -4.06 1.37 -9.35
C LYS A 169 -3.73 1.24 -10.84
N SER A 170 -2.79 2.06 -11.27
CA SER A 170 -2.49 2.12 -12.69
C SER A 170 -1.08 1.65 -12.98
N TYR A 171 -0.92 1.07 -14.18
CA TYR A 171 0.38 0.58 -14.66
C TYR A 171 1.14 1.57 -15.53
N VAL A 172 2.33 1.97 -15.14
CA VAL A 172 3.07 2.84 -16.05
C VAL A 172 4.56 2.95 -15.79
N ASP A 173 5.23 3.61 -16.72
CA ASP A 173 6.66 3.75 -16.67
C ASP A 173 7.07 4.49 -15.42
N PRO A 174 8.17 4.04 -14.79
CA PRO A 174 8.65 4.60 -13.55
C PRO A 174 8.51 6.07 -13.59
N GLY A 175 8.25 6.67 -12.44
CA GLY A 175 8.13 8.12 -12.37
C GLY A 175 7.10 8.54 -13.40
N GLN A 176 5.89 8.70 -12.93
CA GLN A 176 4.79 8.91 -13.82
C GLN A 176 3.49 8.93 -13.00
N PRO A 177 2.60 9.84 -13.35
CA PRO A 177 1.42 9.99 -12.58
C PRO A 177 0.48 8.82 -12.80
N ALA A 178 -0.07 8.29 -11.72
CA ALA A 178 -1.06 7.21 -11.78
C ALA A 178 -2.44 7.78 -11.72
N THR A 179 -3.38 7.17 -12.44
CA THR A 179 -4.74 7.71 -12.52
C THR A 179 -5.37 7.91 -11.13
N SER A 180 -5.62 9.16 -10.80
CA SER A 180 -6.11 9.57 -9.47
C SER A 180 -7.61 9.73 -9.35
N THR A 181 -8.12 9.41 -8.18
CA THR A 181 -9.54 9.52 -7.92
C THR A 181 -9.85 10.56 -6.85
N ALA A 182 -11.05 11.12 -6.92
CA ALA A 182 -11.44 12.18 -6.00
C ALA A 182 -12.18 11.64 -4.79
N ARG A 183 -11.68 12.13 -3.65
CA ARG A 183 -12.11 11.77 -2.32
C ARG A 183 -13.59 11.68 -2.14
N PRO A 184 -13.99 10.72 -1.32
CA PRO A 184 -15.39 10.52 -1.09
C PRO A 184 -15.87 11.62 -0.19
N ASN A 185 -17.06 12.16 -0.44
CA ASN A 185 -17.58 13.12 0.52
C ASN A 185 -18.02 12.43 1.80
N ARG A 186 -17.23 12.52 2.87
CA ARG A 186 -17.48 11.70 4.08
C ARG A 186 -18.92 11.77 4.49
N PHE A 187 -19.40 13.00 4.62
CA PHE A 187 -20.79 13.28 4.91
C PHE A 187 -21.52 13.23 3.59
N GLY A 188 -22.56 12.43 3.49
CA GLY A 188 -23.19 12.26 2.18
C GLY A 188 -24.31 11.27 2.11
N LYS A 189 -24.86 11.13 0.90
CA LYS A 189 -26.06 10.32 0.72
C LYS A 189 -25.70 8.89 1.03
N LYS A 190 -26.29 8.35 2.08
CA LYS A 190 -26.01 6.98 2.51
C LYS A 190 -27.25 6.43 3.16
N THR A 191 -27.45 5.13 3.05
CA THR A 191 -28.63 4.48 3.61
C THR A 191 -28.18 3.82 4.87
N MET A 192 -28.76 2.68 5.21
CA MET A 192 -28.37 2.06 6.47
C MET A 192 -29.05 0.73 6.67
N LEU A 193 -28.86 -0.14 5.70
CA LEU A 193 -29.42 -1.50 5.74
C LEU A 193 -29.27 -2.27 7.07
N CYS A 194 -30.34 -2.98 7.38
CA CYS A 194 -30.42 -3.80 8.56
C CYS A 194 -30.96 -5.12 8.15
N VAL A 195 -30.20 -6.18 8.41
CA VAL A 195 -30.62 -7.50 7.99
C VAL A 195 -30.36 -8.58 8.99
N TRP A 196 -31.20 -9.62 8.92
CA TRP A 196 -31.12 -10.85 9.72
C TRP A 196 -31.20 -12.01 8.75
N TRP A 197 -30.53 -13.12 9.08
CA TRP A 197 -30.48 -14.33 8.25
C TRP A 197 -30.20 -15.52 9.15
N ASP A 198 -30.18 -16.71 8.54
CA ASP A 198 -29.79 -17.90 9.25
C ASP A 198 -29.04 -18.83 8.32
N GLN A 199 -28.59 -19.97 8.85
CA GLN A 199 -27.78 -20.91 8.07
C GLN A 199 -28.36 -21.18 6.66
N SER A 200 -29.67 -21.14 6.56
CA SER A 200 -30.37 -21.54 5.35
C SER A 200 -30.51 -20.40 4.39
N GLY A 201 -30.29 -19.17 4.84
CA GLY A 201 -30.41 -18.02 3.94
C GLY A 201 -30.75 -16.72 4.63
N VAL A 202 -31.12 -15.72 3.83
CA VAL A 202 -31.57 -14.46 4.43
C VAL A 202 -33.05 -14.58 4.73
N ILE A 203 -33.49 -13.93 5.81
CA ILE A 203 -34.83 -14.14 6.28
C ILE A 203 -35.64 -12.90 6.08
N TYR A 204 -35.06 -11.76 6.45
CA TYR A 204 -35.74 -10.47 6.39
C TYR A 204 -34.72 -9.32 6.59
N TYR A 205 -34.93 -8.21 5.85
CA TYR A 205 -34.04 -7.02 5.93
C TYR A 205 -34.67 -5.73 5.47
N GLU A 206 -34.51 -4.73 6.32
CA GLU A 206 -35.09 -3.43 6.06
C GLU A 206 -33.90 -2.65 5.64
N LEU A 207 -34.12 -1.63 4.80
CA LEU A 207 -33.07 -0.66 4.50
C LEU A 207 -33.49 0.78 4.87
N LEU A 208 -33.24 1.17 6.11
CA LEU A 208 -33.67 2.43 6.63
C LEU A 208 -33.35 3.52 5.66
N LYS A 209 -34.36 4.31 5.32
CA LYS A 209 -34.24 5.43 4.38
C LYS A 209 -33.17 6.45 4.81
N PRO A 210 -32.62 7.18 3.82
CA PRO A 210 -31.54 8.11 4.05
C PRO A 210 -31.55 8.74 5.45
N GLY A 211 -30.34 9.00 5.96
CA GLY A 211 -30.16 9.61 7.27
C GLY A 211 -31.22 9.10 8.25
N GLU A 212 -31.44 7.79 8.24
CA GLU A 212 -32.37 7.18 9.18
C GLU A 212 -31.67 6.82 10.49
N THR A 213 -32.45 6.50 11.51
CA THR A 213 -31.92 6.16 12.83
C THR A 213 -32.53 4.84 13.33
N VAL A 214 -32.19 4.50 14.56
CA VAL A 214 -32.75 3.32 15.24
C VAL A 214 -32.80 3.53 16.75
N ASN A 215 -33.99 3.29 17.30
CA ASN A 215 -34.29 3.49 18.72
C ASN A 215 -34.99 2.28 19.27
N ALA A 216 -34.82 2.04 20.57
CA ALA A 216 -35.40 0.85 21.18
C ALA A 216 -36.71 0.63 20.45
N ALA A 217 -37.53 1.66 20.41
CA ALA A 217 -38.79 1.57 19.72
C ALA A 217 -38.56 0.79 18.46
N ARG A 218 -38.08 1.53 17.47
CA ARG A 218 -37.82 0.99 16.13
C ARG A 218 -37.43 -0.49 16.09
N TYR A 219 -36.38 -0.83 16.83
CA TYR A 219 -35.86 -2.21 16.79
C TYR A 219 -36.98 -3.19 17.12
N GLN A 220 -37.65 -2.94 18.23
CA GLN A 220 -38.75 -3.77 18.66
C GLN A 220 -39.52 -4.07 17.40
N GLN A 221 -40.06 -3.01 16.82
CA GLN A 221 -40.87 -3.09 15.60
C GLN A 221 -40.20 -3.98 14.56
N GLN A 222 -38.88 -3.81 14.43
CA GLN A 222 -38.11 -4.63 13.50
C GLN A 222 -38.19 -6.06 13.95
N LEU A 223 -37.65 -6.30 15.14
CA LEU A 223 -37.59 -7.66 15.71
C LEU A 223 -38.85 -8.38 15.34
N ILE A 224 -39.95 -7.64 15.46
CA ILE A 224 -41.29 -8.16 15.25
C ILE A 224 -41.63 -8.48 13.80
N ASN A 225 -41.60 -7.48 12.95
CA ASN A 225 -41.82 -7.72 11.53
C ASN A 225 -41.02 -8.97 11.19
N LEU A 226 -39.77 -8.98 11.65
CA LEU A 226 -38.85 -10.08 11.42
C LEU A 226 -39.60 -11.36 11.67
N ASN A 227 -39.99 -11.54 12.93
CA ASN A 227 -40.68 -12.76 13.31
C ASN A 227 -41.66 -13.08 12.22
N ARG A 228 -42.69 -12.25 12.07
CA ARG A 228 -43.69 -12.49 11.04
C ARG A 228 -43.03 -13.18 9.86
N ALA A 229 -42.18 -12.42 9.16
CA ALA A 229 -41.49 -12.94 8.00
C ALA A 229 -40.96 -14.31 8.35
N LEU A 230 -40.14 -14.36 9.39
CA LEU A 230 -39.45 -15.57 9.73
C LEU A 230 -40.38 -16.76 9.61
N GLN A 231 -41.52 -16.65 10.29
CA GLN A 231 -42.48 -17.75 10.42
C GLN A 231 -43.00 -18.24 9.07
N ARG A 232 -43.52 -17.29 8.28
CA ARG A 232 -44.07 -17.57 6.95
C ARG A 232 -43.05 -18.07 5.93
N LYS A 233 -41.78 -18.11 6.33
CA LYS A 233 -40.70 -18.57 5.46
C LYS A 233 -39.93 -19.72 6.10
N ARG A 234 -39.89 -19.77 7.43
CA ARG A 234 -39.20 -20.85 8.15
C ARG A 234 -40.20 -21.75 8.87
N PRO A 235 -40.55 -22.87 8.25
CA PRO A 235 -41.49 -23.79 8.86
C PRO A 235 -41.06 -24.17 10.28
N GLU A 236 -40.07 -25.05 10.37
CA GLU A 236 -39.64 -25.69 11.63
C GLU A 236 -39.85 -24.85 12.89
N TYR A 237 -39.40 -23.60 12.84
CA TYR A 237 -39.48 -22.71 14.02
C TYR A 237 -40.93 -22.39 14.45
N ARG A 243 -36.93 -24.43 19.01
CA ARG A 243 -36.76 -23.07 19.51
C ARG A 243 -36.05 -22.23 18.48
N VAL A 244 -35.60 -21.03 18.87
CA VAL A 244 -34.84 -20.14 17.99
C VAL A 244 -33.74 -19.32 18.67
N ILE A 245 -32.55 -19.26 18.06
CA ILE A 245 -31.41 -18.55 18.69
C ILE A 245 -30.97 -17.23 18.03
N PHE A 246 -31.21 -16.13 18.69
CA PHE A 246 -30.95 -14.85 18.10
C PHE A 246 -29.62 -14.39 18.56
N LEU A 247 -28.81 -14.05 17.60
CA LEU A 247 -27.47 -13.64 17.87
C LEU A 247 -27.33 -12.26 17.36
N HIS A 248 -27.13 -11.30 18.27
CA HIS A 248 -26.98 -9.90 17.85
C HIS A 248 -26.11 -9.07 18.80
N ASP A 249 -25.38 -8.11 18.24
CA ASP A 249 -24.33 -7.41 19.00
C ASP A 249 -24.92 -6.64 20.17
N ASN A 250 -24.09 -6.36 21.18
CA ASN A 250 -24.55 -5.71 22.40
C ASN A 250 -24.64 -4.21 22.22
N ALA A 251 -25.39 -3.80 21.20
CA ALA A 251 -25.70 -2.41 20.95
C ALA A 251 -26.35 -1.80 22.19
N PRO A 252 -26.61 -0.50 22.15
CA PRO A 252 -27.38 0.07 23.24
C PRO A 252 -28.86 -0.30 23.07
N SER A 253 -29.30 -0.23 21.81
CA SER A 253 -30.68 -0.50 21.43
C SER A 253 -30.93 -2.01 21.42
N HIS A 254 -29.99 -2.77 21.90
CA HIS A 254 -30.10 -4.21 21.86
C HIS A 254 -30.05 -4.77 23.27
N THR A 255 -29.65 -3.92 24.21
CA THR A 255 -29.46 -4.36 25.55
C THR A 255 -30.50 -3.65 26.41
N ALA A 256 -31.40 -2.94 25.72
CA ALA A 256 -32.49 -2.20 26.36
C ALA A 256 -33.57 -3.12 26.98
N ARG A 257 -33.82 -2.95 28.28
CA ARG A 257 -34.79 -3.79 28.98
C ARG A 257 -36.06 -3.91 28.18
N ALA A 258 -36.39 -2.83 27.47
CA ALA A 258 -37.61 -2.79 26.66
C ALA A 258 -37.66 -4.02 25.77
N VAL A 259 -36.74 -4.02 24.80
CA VAL A 259 -36.56 -5.10 23.86
C VAL A 259 -36.11 -6.36 24.56
N ARG A 260 -35.40 -6.23 25.66
CA ARG A 260 -35.02 -7.40 26.45
C ARG A 260 -36.25 -8.26 26.67
N ASP A 261 -37.39 -7.61 26.87
CA ASP A 261 -38.69 -8.27 27.02
C ASP A 261 -39.28 -8.66 25.66
N THR A 262 -39.29 -7.70 24.76
CA THR A 262 -39.85 -7.90 23.41
C THR A 262 -39.39 -9.21 22.75
N LEU A 263 -38.32 -9.77 23.31
CA LEU A 263 -37.69 -11.00 22.79
C LEU A 263 -38.12 -12.16 23.67
N GLU A 264 -37.95 -11.97 24.97
CA GLU A 264 -38.38 -12.93 25.98
C GLU A 264 -39.80 -13.39 25.66
N THR A 265 -40.61 -12.49 25.14
CA THR A 265 -41.98 -12.82 24.78
C THR A 265 -42.10 -13.62 23.46
N LEU A 266 -41.09 -14.45 23.20
CA LEU A 266 -41.09 -15.29 22.01
C LEU A 266 -40.27 -16.55 22.27
N ASN A 267 -39.79 -16.72 23.50
CA ASN A 267 -38.82 -17.77 23.86
C ASN A 267 -37.45 -17.48 23.28
N TRP A 268 -37.42 -16.77 22.14
CA TRP A 268 -36.18 -16.46 21.45
C TRP A 268 -34.97 -16.52 22.42
N GLU A 269 -33.95 -17.27 22.01
CA GLU A 269 -32.79 -17.45 22.84
C GLU A 269 -31.74 -16.46 22.43
N VAL A 270 -31.50 -15.53 23.33
CA VAL A 270 -30.40 -14.61 23.18
C VAL A 270 -29.06 -15.35 23.41
N LEU A 271 -28.29 -15.53 22.34
CA LEU A 271 -26.98 -16.14 22.49
C LEU A 271 -26.14 -15.14 23.19
N PRO A 272 -25.03 -15.60 23.76
CA PRO A 272 -24.16 -14.70 24.48
C PRO A 272 -23.27 -13.99 23.53
N HIS A 273 -22.75 -12.84 23.94
CA HIS A 273 -21.88 -12.14 23.02
C HIS A 273 -21.08 -11.07 23.70
N ALA A 274 -19.83 -10.95 23.30
CA ALA A 274 -18.92 -10.04 23.99
C ALA A 274 -18.73 -8.74 23.23
N ALA A 275 -18.68 -7.68 23.99
CA ALA A 275 -18.47 -6.39 23.41
C ALA A 275 -17.28 -6.46 22.48
N TYR A 276 -17.18 -5.44 21.65
CA TYR A 276 -16.09 -5.31 20.70
C TYR A 276 -15.67 -6.60 20.00
N SER A 277 -16.64 -7.36 19.49
CA SER A 277 -16.38 -8.67 18.89
C SER A 277 -17.04 -8.91 17.57
N PRO A 278 -16.81 -8.03 16.61
CA PRO A 278 -17.44 -8.14 15.29
C PRO A 278 -16.91 -9.32 14.57
N ASP A 279 -15.90 -9.93 15.14
CA ASP A 279 -15.26 -11.05 14.50
C ASP A 279 -15.86 -12.29 15.06
N LEU A 280 -16.95 -12.18 15.73
CA LEU A 280 -17.69 -13.38 16.00
C LEU A 280 -19.10 -13.16 15.50
N ALA A 281 -19.33 -12.01 14.89
CA ALA A 281 -20.58 -11.66 14.22
C ALA A 281 -20.63 -12.24 12.82
N PRO A 282 -21.30 -13.38 12.65
CA PRO A 282 -21.33 -14.00 11.35
C PRO A 282 -21.87 -13.02 10.39
N SER A 283 -22.92 -12.36 10.82
CA SER A 283 -23.56 -11.29 10.06
C SER A 283 -22.52 -10.26 9.57
N ASP A 284 -21.53 -10.04 10.42
CA ASP A 284 -20.46 -9.10 10.15
C ASP A 284 -19.27 -9.73 9.40
N TYR A 285 -18.35 -10.38 10.09
CA TYR A 285 -17.15 -10.97 9.49
C TYR A 285 -17.37 -11.78 8.26
N HIS A 286 -18.52 -12.45 8.12
CA HIS A 286 -18.79 -13.18 6.85
C HIS A 286 -19.85 -12.64 5.84
N LEU A 287 -21.01 -12.17 6.27
CA LEU A 287 -22.00 -11.72 5.29
C LEU A 287 -21.59 -10.38 4.69
N PHE A 288 -21.60 -9.33 5.49
CA PHE A 288 -21.20 -8.02 4.98
C PHE A 288 -19.95 -8.20 4.15
N ALA A 289 -18.95 -8.70 4.86
CA ALA A 289 -17.64 -8.95 4.31
C ALA A 289 -17.70 -9.24 2.82
N SER A 290 -18.40 -10.28 2.44
CA SER A 290 -18.46 -10.53 1.03
C SER A 290 -19.02 -9.27 0.35
N MET A 291 -20.18 -8.85 0.82
CA MET A 291 -20.86 -7.73 0.21
C MET A 291 -19.91 -6.59 -0.05
N GLY A 292 -19.07 -6.29 0.95
CA GLY A 292 -18.07 -5.24 0.87
C GLY A 292 -17.34 -5.12 -0.45
N HIS A 293 -16.58 -6.13 -0.84
CA HIS A 293 -15.94 -6.14 -2.16
C HIS A 293 -16.99 -5.81 -3.18
N ALA A 294 -18.09 -6.54 -3.07
CA ALA A 294 -19.13 -6.47 -4.08
C ALA A 294 -19.61 -5.05 -4.32
N LEU A 295 -19.51 -4.20 -3.31
CA LEU A 295 -20.01 -2.81 -3.40
C LEU A 295 -18.97 -1.83 -3.91
N ALA A 296 -17.78 -2.34 -4.16
CA ALA A 296 -16.69 -1.55 -4.62
C ALA A 296 -17.13 -0.62 -5.73
N GLU A 297 -16.50 0.56 -5.77
CA GLU A 297 -16.63 1.53 -6.86
C GLU A 297 -18.02 1.51 -7.47
N GLN A 298 -19.03 1.17 -6.66
CA GLN A 298 -20.40 1.12 -7.14
C GLN A 298 -21.11 2.46 -6.84
N ARG A 299 -21.93 2.94 -7.77
CA ARG A 299 -22.69 4.18 -7.55
C ARG A 299 -24.22 3.95 -7.48
N PHE A 300 -24.91 4.68 -6.61
CA PHE A 300 -26.37 4.51 -6.45
C PHE A 300 -27.10 5.82 -6.58
N ASP A 301 -27.72 6.03 -7.72
CA ASP A 301 -28.41 7.29 -7.99
C ASP A 301 -29.71 7.38 -7.22
N SER A 302 -30.19 6.25 -6.73
CA SER A 302 -31.50 6.21 -6.08
C SER A 302 -31.58 5.25 -4.93
N TYR A 303 -32.18 5.72 -3.84
CA TYR A 303 -32.42 4.88 -2.65
C TYR A 303 -33.02 3.53 -3.00
N GLU A 304 -33.90 3.49 -3.99
CA GLU A 304 -34.52 2.26 -4.42
C GLU A 304 -33.46 1.43 -5.17
N SER A 305 -32.65 2.10 -5.97
CA SER A 305 -31.65 1.38 -6.74
C SER A 305 -30.88 0.45 -5.81
N VAL A 306 -30.60 0.95 -4.60
CA VAL A 306 -29.92 0.19 -3.57
C VAL A 306 -30.76 -1.03 -3.21
N LYS A 307 -31.96 -0.80 -2.68
CA LYS A 307 -32.89 -1.90 -2.38
C LYS A 307 -32.88 -2.89 -3.53
N LYS A 308 -32.78 -2.39 -4.77
CA LYS A 308 -32.78 -3.27 -5.92
C LYS A 308 -31.58 -4.20 -5.81
N TRP A 309 -30.40 -3.61 -5.94
CA TRP A 309 -29.14 -4.35 -5.87
C TRP A 309 -29.17 -5.42 -4.78
N LEU A 310 -29.43 -4.98 -3.54
CA LEU A 310 -29.45 -5.87 -2.40
C LEU A 310 -30.23 -7.11 -2.75
N ASP A 311 -31.44 -6.90 -3.24
CA ASP A 311 -32.29 -8.03 -3.59
C ASP A 311 -31.58 -8.96 -4.55
N GLU A 312 -31.08 -8.36 -5.64
CA GLU A 312 -30.50 -9.11 -6.75
C GLU A 312 -29.40 -9.93 -6.20
N TRP A 313 -28.65 -9.29 -5.29
CA TRP A 313 -27.46 -9.91 -4.67
C TRP A 313 -27.80 -11.12 -3.79
N PHE A 314 -28.54 -10.86 -2.75
CA PHE A 314 -29.00 -11.91 -1.89
C PHE A 314 -29.64 -13.07 -2.68
N ALA A 315 -30.13 -12.77 -3.87
CA ALA A 315 -30.68 -13.80 -4.73
C ALA A 315 -29.52 -14.59 -5.32
N ALA A 316 -28.62 -13.83 -5.93
CA ALA A 316 -27.42 -14.35 -6.55
C ALA A 316 -26.68 -15.29 -5.64
N LYS A 317 -26.67 -15.00 -4.35
CA LYS A 317 -25.87 -15.79 -3.45
C LYS A 317 -26.30 -17.26 -3.41
N ASP A 318 -25.37 -18.16 -3.73
CA ASP A 318 -25.63 -19.59 -3.60
C ASP A 318 -26.09 -19.92 -2.15
N ASP A 319 -26.99 -20.88 -2.01
CA ASP A 319 -27.49 -21.26 -0.69
C ASP A 319 -26.37 -21.63 0.29
N GLU A 320 -25.57 -22.61 -0.11
CA GLU A 320 -24.42 -23.06 0.68
C GLU A 320 -23.72 -21.87 1.34
N PHE A 321 -23.40 -20.86 0.56
CA PHE A 321 -22.67 -19.72 1.14
C PHE A 321 -23.16 -19.37 2.54
N TYR A 322 -24.46 -19.23 2.66
CA TYR A 322 -25.01 -18.83 3.93
C TYR A 322 -24.59 -19.79 4.97
N TRP A 323 -24.78 -21.08 4.69
CA TRP A 323 -24.37 -22.14 5.61
C TRP A 323 -23.00 -21.85 6.16
N ARG A 324 -22.02 -21.96 5.28
CA ARG A 324 -20.64 -21.75 5.64
C ARG A 324 -20.49 -20.61 6.67
N GLY A 325 -21.01 -19.45 6.32
CA GLY A 325 -20.94 -18.34 7.25
C GLY A 325 -21.28 -18.76 8.68
N ILE A 326 -22.40 -19.47 8.84
CA ILE A 326 -22.90 -19.87 10.16
C ILE A 326 -22.15 -21.06 10.71
N HIS A 327 -21.61 -21.88 9.85
CA HIS A 327 -20.79 -22.96 10.36
C HIS A 327 -19.32 -22.60 10.67
N LYS A 328 -18.87 -21.42 10.27
CA LYS A 328 -17.58 -21.04 10.69
C LYS A 328 -17.59 -20.90 12.23
N LEU A 329 -18.72 -20.49 12.77
CA LEU A 329 -18.79 -20.16 14.19
C LEU A 329 -17.92 -20.98 15.15
N PRO A 330 -17.97 -22.29 15.08
CA PRO A 330 -17.11 -23.07 15.96
C PRO A 330 -15.64 -22.81 15.78
N GLU A 331 -15.11 -23.09 14.60
CA GLU A 331 -13.67 -22.85 14.34
C GLU A 331 -13.31 -21.48 14.89
N ARG A 332 -14.19 -20.55 14.60
CA ARG A 332 -14.00 -19.19 14.96
C ARG A 332 -13.80 -19.08 16.44
N TRP A 333 -14.64 -19.72 17.22
CA TRP A 333 -14.49 -19.68 18.68
C TRP A 333 -13.23 -20.46 19.06
N GLU A 334 -13.09 -21.66 18.50
CA GLU A 334 -12.00 -22.50 18.94
C GLU A 334 -10.80 -21.63 18.86
N LYS A 335 -10.84 -20.66 17.95
CA LYS A 335 -9.72 -19.78 17.81
C LYS A 335 -9.86 -18.78 18.90
N CYS A 336 -10.99 -18.07 18.88
CA CYS A 336 -11.31 -16.98 19.83
C CYS A 336 -10.70 -17.25 21.17
N VAL A 337 -10.82 -18.51 21.58
CA VAL A 337 -10.41 -18.93 22.91
C VAL A 337 -8.92 -19.14 22.90
N ALA A 338 -8.48 -20.13 22.13
CA ALA A 338 -7.08 -20.44 22.11
C ALA A 338 -6.21 -19.15 21.93
N SER A 339 -6.83 -18.05 21.56
CA SER A 339 -6.11 -16.78 21.46
C SER A 339 -6.22 -15.92 22.73
N ASP A 340 -7.09 -16.35 23.63
CA ASP A 340 -7.22 -15.70 24.93
C ASP A 340 -7.98 -14.40 24.89
N GLY A 341 -8.54 -14.07 23.74
CA GLY A 341 -9.36 -12.88 23.64
C GLY A 341 -8.83 -11.97 22.58
N LYS A 342 -7.53 -11.69 22.64
CA LYS A 342 -6.88 -10.86 21.65
C LYS A 342 -7.45 -11.43 20.39
N TYR A 343 -8.00 -10.56 19.53
CA TYR A 343 -8.57 -11.08 18.31
C TYR A 343 -7.49 -11.82 17.52
N PHE A 344 -7.91 -12.72 16.66
CA PHE A 344 -6.93 -13.52 15.95
C PHE A 344 -6.47 -13.10 14.53
N GLU A 345 -5.15 -13.03 14.39
CA GLU A 345 -4.51 -12.64 13.12
C GLU A 345 -4.52 -11.11 12.94
N VAL B 5 36.92 -35.73 -20.30
CA VAL B 5 35.55 -35.17 -20.56
C VAL B 5 35.60 -33.74 -21.15
N PRO B 6 34.93 -33.55 -22.31
CA PRO B 6 34.76 -32.27 -22.99
C PRO B 6 33.31 -31.92 -22.97
N ASN B 7 32.97 -30.80 -23.60
CA ASN B 7 31.59 -30.32 -23.59
C ASN B 7 31.01 -30.10 -25.01
N LYS B 8 30.74 -28.85 -25.35
CA LYS B 8 30.11 -28.48 -26.59
C LYS B 8 30.62 -27.11 -27.03
N GLU B 9 31.21 -26.39 -26.09
CA GLU B 9 31.77 -25.09 -26.36
C GLU B 9 33.29 -25.17 -26.36
N GLN B 10 33.85 -25.47 -25.18
CA GLN B 10 35.29 -25.60 -24.99
C GLN B 10 35.79 -26.48 -26.08
N THR B 11 34.94 -27.46 -26.43
CA THR B 11 35.22 -28.35 -27.54
C THR B 11 35.67 -27.52 -28.74
N ARG B 12 34.72 -26.77 -29.31
CA ARG B 12 35.03 -25.92 -30.44
C ARG B 12 36.19 -24.98 -30.13
N THR B 13 36.38 -24.62 -28.86
CA THR B 13 37.54 -23.78 -28.50
C THR B 13 38.81 -24.44 -29.02
N VAL B 14 38.92 -25.76 -28.83
CA VAL B 14 40.09 -26.54 -29.25
C VAL B 14 40.42 -26.44 -30.73
N LEU B 15 39.40 -26.41 -31.56
CA LEU B 15 39.61 -26.33 -32.99
C LEU B 15 40.19 -24.99 -33.41
N ILE B 16 39.89 -23.97 -32.62
CA ILE B 16 40.48 -22.68 -32.84
C ILE B 16 41.97 -22.85 -32.62
N PHE B 17 42.30 -23.54 -31.53
CA PHE B 17 43.69 -23.84 -31.21
C PHE B 17 44.32 -24.53 -32.40
N CYS B 18 43.70 -25.61 -32.84
CA CYS B 18 44.20 -26.36 -33.97
C CYS B 18 44.30 -25.45 -35.19
N PHE B 19 43.26 -24.67 -35.40
CA PHE B 19 43.19 -23.82 -36.56
C PHE B 19 44.46 -22.98 -36.65
N HIS B 20 45.05 -22.69 -35.49
CA HIS B 20 46.28 -21.87 -35.43
C HIS B 20 47.53 -22.71 -35.47
N LEU B 21 47.39 -24.00 -35.19
CA LEU B 21 48.50 -24.93 -35.35
C LEU B 21 48.45 -25.59 -36.72
N LYS B 22 47.65 -25.02 -37.63
CA LYS B 22 47.73 -25.36 -39.03
C LYS B 22 47.21 -26.76 -39.29
N LYS B 23 47.00 -27.53 -38.24
CA LYS B 23 46.58 -28.92 -38.39
C LYS B 23 45.21 -28.89 -39.05
N THR B 24 45.10 -29.53 -40.20
CA THR B 24 43.90 -29.39 -41.03
C THR B 24 42.63 -29.77 -40.30
N ALA B 25 41.53 -29.18 -40.70
CA ALA B 25 40.25 -29.48 -40.07
C ALA B 25 40.23 -30.94 -39.64
N ALA B 26 39.98 -31.81 -40.62
CA ALA B 26 39.85 -33.26 -40.43
C ALA B 26 40.98 -33.77 -39.54
N GLU B 27 42.17 -33.25 -39.82
CA GLU B 27 43.39 -33.52 -39.06
C GLU B 27 43.14 -33.33 -37.57
N SER B 28 42.49 -32.23 -37.24
CA SER B 28 42.28 -31.89 -35.85
C SER B 28 41.36 -32.90 -35.24
N HIS B 29 40.26 -33.19 -35.94
CA HIS B 29 39.27 -34.10 -35.39
C HIS B 29 39.99 -35.35 -34.99
N ARG B 30 40.86 -35.80 -35.87
CA ARG B 30 41.62 -37.04 -35.63
C ARG B 30 42.22 -37.02 -34.22
N MET B 31 42.89 -35.93 -33.89
CA MET B 31 43.49 -35.75 -32.56
C MET B 31 42.36 -35.64 -31.56
N LEU B 32 41.50 -34.67 -31.81
CA LEU B 32 40.33 -34.42 -31.01
C LEU B 32 39.64 -35.68 -30.52
N VAL B 33 39.27 -36.58 -31.43
CA VAL B 33 38.69 -37.88 -31.06
C VAL B 33 39.63 -38.62 -30.14
N GLU B 34 40.79 -38.97 -30.68
CA GLU B 34 41.80 -39.70 -29.91
C GLU B 34 42.28 -38.91 -28.68
N ALA B 35 42.07 -37.61 -28.72
CA ALA B 35 42.54 -36.73 -27.65
C ALA B 35 41.83 -37.04 -26.35
N PHE B 36 40.52 -37.20 -26.42
CA PHE B 36 39.73 -37.49 -25.24
C PHE B 36 39.08 -38.87 -25.39
N GLY B 37 38.17 -38.98 -26.35
CA GLY B 37 37.43 -40.20 -26.62
C GLY B 37 36.51 -39.96 -27.80
N GLU B 38 36.07 -41.04 -28.44
CA GLU B 38 35.20 -40.95 -29.62
C GLU B 38 33.96 -40.08 -29.36
N GLN B 39 33.44 -40.15 -28.14
CA GLN B 39 32.28 -39.39 -27.72
C GLN B 39 32.56 -37.89 -27.86
N VAL B 40 32.42 -37.39 -29.08
CA VAL B 40 32.79 -36.03 -29.39
C VAL B 40 32.11 -35.69 -30.70
N PRO B 41 32.17 -34.41 -31.12
CA PRO B 41 31.57 -33.99 -32.38
C PRO B 41 32.17 -34.62 -33.62
N THR B 42 31.42 -34.57 -34.71
CA THR B 42 31.87 -35.18 -35.95
C THR B 42 32.96 -34.38 -36.63
N VAL B 43 33.39 -34.94 -37.74
CA VAL B 43 34.36 -34.31 -38.60
C VAL B 43 33.63 -33.16 -39.25
N LYS B 44 32.53 -33.48 -39.91
CA LYS B 44 31.76 -32.47 -40.59
C LYS B 44 31.80 -31.21 -39.75
N THR B 45 31.26 -31.30 -38.55
CA THR B 45 31.23 -30.13 -37.66
C THR B 45 32.54 -29.34 -37.66
N CYS B 46 33.68 -30.02 -37.63
CA CYS B 46 35.00 -29.37 -37.60
C CYS B 46 35.32 -28.67 -38.93
N GLU B 47 34.93 -29.27 -40.05
CA GLU B 47 35.08 -28.62 -41.34
C GLU B 47 34.26 -27.32 -41.32
N ARG B 48 33.02 -27.44 -40.83
CA ARG B 48 32.10 -26.32 -40.77
C ARG B 48 32.73 -25.27 -39.91
N TRP B 49 33.17 -25.74 -38.77
CA TRP B 49 33.78 -24.86 -37.81
C TRP B 49 34.92 -24.12 -38.46
N PHE B 50 35.87 -24.88 -39.00
CA PHE B 50 37.04 -24.31 -39.70
C PHE B 50 36.60 -23.37 -40.80
N GLN B 51 35.66 -23.85 -41.62
CA GLN B 51 35.08 -23.05 -42.68
C GLN B 51 34.69 -21.68 -42.06
N ARG B 52 34.00 -21.74 -40.94
CA ARG B 52 33.56 -20.56 -40.23
C ARG B 52 34.77 -19.73 -39.78
N PHE B 53 35.84 -20.43 -39.38
CA PHE B 53 37.08 -19.80 -38.94
C PHE B 53 37.82 -19.09 -40.06
N LYS B 54 38.08 -19.80 -41.16
CA LYS B 54 38.82 -19.25 -42.30
C LYS B 54 38.42 -17.80 -42.58
N SER B 55 37.12 -17.56 -42.62
CA SER B 55 36.54 -16.23 -42.87
C SER B 55 36.99 -15.18 -41.84
N GLY B 56 37.27 -15.64 -40.62
CA GLY B 56 37.67 -14.74 -39.54
C GLY B 56 36.57 -14.66 -38.49
N ASP B 57 36.29 -15.80 -37.87
CA ASP B 57 35.22 -15.90 -36.89
C ASP B 57 35.67 -16.48 -35.55
N PHE B 58 34.66 -16.68 -34.71
CA PHE B 58 34.80 -17.19 -33.36
C PHE B 58 33.40 -17.20 -32.73
N ASP B 59 33.05 -18.28 -32.06
CA ASP B 59 31.73 -18.41 -31.41
C ASP B 59 31.55 -17.45 -30.24
N VAL B 60 31.11 -16.23 -30.52
CA VAL B 60 30.79 -15.28 -29.46
C VAL B 60 29.65 -15.84 -28.63
N ASP B 61 28.78 -16.56 -29.34
CA ASP B 61 27.61 -17.20 -28.76
C ASP B 61 26.85 -17.87 -29.90
N ASP B 62 26.21 -19.00 -29.58
CA ASP B 62 25.31 -19.69 -30.50
C ASP B 62 24.25 -18.68 -30.95
N LYS B 63 23.86 -18.70 -32.22
CA LYS B 63 22.91 -17.70 -32.73
C LYS B 63 21.47 -18.09 -32.36
N GLU B 64 20.63 -17.09 -32.11
CA GLU B 64 19.22 -17.30 -31.70
C GLU B 64 18.50 -18.34 -32.52
N HIS B 65 17.88 -19.28 -31.81
CA HIS B 65 17.18 -20.41 -32.43
C HIS B 65 15.80 -20.01 -32.87
N GLY B 66 14.97 -21.02 -33.20
CA GLY B 66 13.59 -20.81 -33.59
C GLY B 66 12.76 -20.70 -32.34
N LYS B 67 11.75 -19.83 -32.36
CA LYS B 67 10.91 -19.58 -31.19
C LYS B 67 9.50 -19.40 -31.64
N PRO B 68 8.54 -19.78 -30.80
CA PRO B 68 7.13 -19.58 -31.16
C PRO B 68 6.84 -18.11 -31.45
N PRO B 69 5.68 -17.84 -32.05
CA PRO B 69 5.39 -16.49 -32.49
C PRO B 69 4.73 -15.71 -31.39
N LYS B 70 4.98 -14.41 -31.34
CA LYS B 70 4.37 -13.60 -30.29
C LYS B 70 2.85 -13.61 -30.45
N ARG B 71 2.19 -14.18 -29.45
CA ARG B 71 0.74 -14.33 -29.50
C ARG B 71 0.05 -12.98 -29.54
N TYR B 72 0.82 -11.91 -29.37
CA TYR B 72 0.28 -10.55 -29.41
C TYR B 72 1.38 -9.52 -29.44
N GLU B 73 1.32 -8.62 -30.44
CA GLU B 73 2.30 -7.52 -30.55
C GLU B 73 2.53 -6.92 -29.18
N ASP B 74 3.67 -6.29 -28.97
CA ASP B 74 4.00 -5.76 -27.65
C ASP B 74 3.20 -4.51 -27.39
N ALA B 75 3.28 -3.54 -28.29
CA ALA B 75 2.55 -2.28 -28.09
C ALA B 75 1.06 -2.45 -28.25
N GLU B 76 0.66 -3.57 -28.85
CA GLU B 76 -0.74 -3.86 -29.01
C GLU B 76 -1.35 -3.88 -27.63
N LEU B 77 -0.50 -4.20 -26.66
CA LEU B 77 -0.92 -4.31 -25.26
C LEU B 77 -0.69 -3.00 -24.60
N GLN B 78 0.04 -2.14 -25.28
CA GLN B 78 0.37 -0.85 -24.71
C GLN B 78 -0.73 0.07 -25.11
N ALA B 79 -1.57 -0.39 -26.03
CA ALA B 79 -2.64 0.47 -26.50
C ALA B 79 -3.55 0.58 -25.35
N LEU B 80 -3.73 -0.54 -24.69
CA LEU B 80 -4.80 -0.66 -23.71
C LEU B 80 -4.46 0.24 -22.53
N LEU B 81 -3.21 0.18 -22.12
CA LEU B 81 -2.77 1.09 -21.10
C LEU B 81 -3.21 2.49 -21.52
N ASP B 82 -2.91 2.85 -22.77
CA ASP B 82 -3.16 4.19 -23.30
C ASP B 82 -4.64 4.53 -23.11
N GLU B 83 -5.49 3.54 -23.31
CA GLU B 83 -6.94 3.68 -23.10
C GLU B 83 -7.26 3.74 -21.62
N ASP B 84 -7.04 2.64 -20.89
CA ASP B 84 -7.21 2.63 -19.44
C ASP B 84 -5.95 2.27 -18.69
N ASP B 85 -5.20 3.33 -18.44
CA ASP B 85 -4.01 3.37 -17.60
C ASP B 85 -4.06 2.45 -16.41
N ALA B 86 -5.24 2.15 -15.92
CA ALA B 86 -5.33 1.25 -14.78
C ALA B 86 -6.39 0.17 -14.90
N GLN B 87 -5.96 -0.96 -15.44
CA GLN B 87 -6.77 -2.12 -15.49
C GLN B 87 -6.12 -3.25 -14.67
N THR B 88 -6.61 -4.46 -14.82
CA THR B 88 -6.03 -5.58 -14.11
C THR B 88 -5.45 -6.55 -15.10
N GLN B 89 -4.54 -7.38 -14.62
CA GLN B 89 -3.83 -8.21 -15.54
C GLN B 89 -4.86 -9.09 -16.17
N LYS B 90 -5.68 -9.66 -15.28
CA LYS B 90 -6.81 -10.49 -15.71
C LYS B 90 -7.62 -9.77 -16.78
N GLN B 91 -7.68 -8.45 -16.72
CA GLN B 91 -8.53 -7.73 -17.64
C GLN B 91 -7.90 -7.68 -18.99
N LEU B 92 -6.60 -7.57 -18.99
CA LEU B 92 -5.91 -7.43 -20.23
C LEU B 92 -5.81 -8.81 -20.84
N ALA B 93 -5.52 -9.79 -20.01
CA ALA B 93 -5.48 -11.20 -20.47
C ALA B 93 -6.73 -11.62 -21.29
N GLU B 94 -7.82 -10.95 -21.02
CA GLU B 94 -9.02 -11.23 -21.72
C GLU B 94 -9.02 -10.41 -23.01
N GLN B 95 -8.67 -9.14 -22.90
CA GLN B 95 -8.70 -8.27 -24.07
C GLN B 95 -7.66 -8.74 -25.05
N LEU B 96 -6.72 -9.53 -24.55
CA LEU B 96 -5.63 -9.99 -25.39
C LEU B 96 -5.73 -11.47 -25.72
N GLU B 97 -6.73 -12.15 -25.17
CA GLU B 97 -6.89 -13.57 -25.45
C GLU B 97 -5.62 -14.25 -25.03
N VAL B 98 -5.32 -14.08 -23.76
CA VAL B 98 -4.12 -14.65 -23.19
C VAL B 98 -4.38 -14.94 -21.74
N SER B 99 -3.38 -15.52 -21.10
CA SER B 99 -3.42 -15.75 -19.68
C SER B 99 -3.09 -14.45 -19.05
N GLN B 100 -3.22 -14.41 -17.73
CA GLN B 100 -2.78 -13.23 -16.99
C GLN B 100 -1.31 -13.24 -16.70
N GLN B 101 -0.85 -14.34 -16.16
CA GLN B 101 0.54 -14.44 -15.89
C GLN B 101 1.27 -13.86 -17.10
N ALA B 102 0.82 -14.35 -18.25
CA ALA B 102 1.33 -13.90 -19.51
C ALA B 102 1.55 -12.38 -19.55
N VAL B 103 0.49 -11.64 -19.30
CA VAL B 103 0.65 -10.21 -19.16
C VAL B 103 1.60 -9.81 -18.03
N SER B 104 1.52 -10.47 -16.87
CA SER B 104 2.41 -10.13 -15.75
C SER B 104 3.71 -9.84 -16.38
N ASN B 105 4.16 -10.81 -17.17
CA ASN B 105 5.47 -10.77 -17.70
C ASN B 105 5.68 -9.67 -18.74
N ARG B 106 4.80 -9.56 -19.72
CA ARG B 106 5.05 -8.57 -20.76
C ARG B 106 5.26 -7.24 -20.09
N LEU B 107 4.57 -7.04 -18.97
CA LEU B 107 4.61 -5.78 -18.31
C LEU B 107 6.01 -5.60 -17.79
N ARG B 108 6.54 -6.62 -17.13
CA ARG B 108 7.92 -6.57 -16.63
C ARG B 108 8.80 -6.28 -17.85
N GLU B 109 8.45 -6.88 -18.98
CA GLU B 109 9.26 -6.77 -20.19
C GLU B 109 9.27 -5.38 -20.75
N MET B 110 8.61 -4.47 -20.04
CA MET B 110 8.51 -3.08 -20.45
C MET B 110 8.55 -2.24 -19.18
N GLY B 111 9.15 -1.06 -19.23
CA GLY B 111 9.28 -0.18 -18.04
C GLY B 111 8.28 -0.50 -16.92
N LYS B 112 7.00 -0.50 -17.30
CA LYS B 112 5.80 -0.72 -16.46
C LYS B 112 5.92 -1.21 -15.01
N ILE B 113 5.54 -0.31 -14.11
CA ILE B 113 5.35 -0.59 -12.70
C ILE B 113 3.91 -0.21 -12.34
N GLN B 114 3.51 -0.55 -11.12
CA GLN B 114 2.16 -0.28 -10.66
C GLN B 114 2.22 0.70 -9.49
N LYS B 115 1.61 1.86 -9.73
CA LYS B 115 1.53 2.91 -8.72
C LYS B 115 0.08 3.15 -8.33
N VAL B 116 -0.13 3.54 -7.07
CA VAL B 116 -1.47 3.84 -6.59
C VAL B 116 -1.72 5.30 -6.80
N GLY B 117 -2.94 5.62 -7.22
CA GLY B 117 -3.31 6.99 -7.53
C GLY B 117 -3.46 7.91 -6.33
N ARG B 118 -3.23 9.17 -6.60
CA ARG B 118 -3.32 10.17 -5.59
C ARG B 118 -4.82 10.30 -5.23
N TRP B 119 -5.10 10.57 -3.96
CA TRP B 119 -6.44 10.98 -3.55
C TRP B 119 -6.59 12.46 -3.79
N VAL B 120 -7.63 12.90 -4.46
CA VAL B 120 -7.75 14.33 -4.55
C VAL B 120 -9.04 14.94 -4.03
N PRO B 121 -8.90 16.06 -3.29
CA PRO B 121 -9.86 16.86 -2.54
C PRO B 121 -11.29 16.90 -2.99
N HIS B 122 -11.54 16.92 -4.30
CA HIS B 122 -12.92 17.09 -4.74
C HIS B 122 -13.12 16.90 -6.22
N GLU B 123 -14.32 16.49 -6.57
CA GLU B 123 -14.68 16.37 -7.97
C GLU B 123 -14.96 17.77 -8.55
N LEU B 124 -13.92 18.59 -8.70
CA LEU B 124 -14.12 19.97 -9.20
C LEU B 124 -14.86 19.96 -10.52
N ASN B 125 -15.80 20.87 -10.69
CA ASN B 125 -16.69 20.86 -11.84
C ASN B 125 -16.55 22.16 -12.60
N GLU B 126 -16.35 22.03 -13.92
CA GLU B 126 -16.31 23.16 -14.85
C GLU B 126 -16.13 24.46 -14.09
N ARG B 127 -17.25 25.07 -13.71
CA ARG B 127 -17.27 26.39 -13.10
C ARG B 127 -16.25 26.56 -11.97
N GLN B 128 -15.97 25.48 -11.23
CA GLN B 128 -15.04 25.54 -10.08
C GLN B 128 -13.61 25.73 -10.55
N MET B 129 -13.21 24.94 -11.54
CA MET B 129 -11.86 25.01 -12.08
C MET B 129 -11.70 26.41 -12.64
N GLU B 130 -12.62 26.77 -13.51
CA GLU B 130 -12.61 28.08 -14.10
C GLU B 130 -12.25 29.13 -13.07
N ARG B 131 -12.93 29.10 -11.91
CA ARG B 131 -12.67 30.05 -10.79
C ARG B 131 -11.21 29.97 -10.36
N ARG B 132 -10.83 28.84 -9.77
CA ARG B 132 -9.42 28.60 -9.45
C ARG B 132 -8.45 29.22 -10.48
N LYS B 133 -8.57 28.78 -11.72
CA LYS B 133 -7.67 29.24 -12.75
C LYS B 133 -7.44 30.72 -12.59
N ASN B 134 -8.49 31.51 -12.79
CA ASN B 134 -8.35 32.94 -12.77
C ASN B 134 -7.70 33.38 -11.50
N THR B 135 -8.32 32.99 -10.39
CA THR B 135 -7.79 33.33 -9.07
C THR B 135 -6.27 33.38 -9.08
N CYS B 136 -5.64 32.24 -9.33
CA CYS B 136 -4.20 32.18 -9.42
C CYS B 136 -3.82 33.15 -10.53
N GLU B 137 -4.39 32.95 -11.72
CA GLU B 137 -3.98 33.75 -12.84
C GLU B 137 -3.62 35.10 -12.29
N ILE B 138 -4.55 35.66 -11.52
CA ILE B 138 -4.41 36.99 -10.94
C ILE B 138 -3.34 37.15 -9.88
N LEU B 139 -3.54 36.55 -8.72
CA LEU B 139 -2.50 36.53 -7.69
C LEU B 139 -1.11 36.47 -8.34
N LEU B 140 -0.97 35.50 -9.22
CA LEU B 140 0.27 35.26 -9.91
C LEU B 140 0.60 36.43 -10.77
N SER B 141 -0.42 36.97 -11.41
CA SER B 141 -0.29 38.18 -12.21
C SER B 141 0.41 39.25 -11.39
N ARG B 142 -0.06 39.46 -10.15
CA ARG B 142 0.50 40.50 -9.25
C ARG B 142 1.84 40.11 -8.58
N TYR B 143 2.01 38.84 -8.29
CA TYR B 143 3.28 38.42 -7.73
C TYR B 143 4.45 38.77 -8.68
N LYS B 144 4.15 39.07 -9.93
CA LYS B 144 5.19 39.44 -10.86
C LYS B 144 5.49 40.92 -10.68
N ARG B 145 4.44 41.74 -10.70
CA ARG B 145 4.57 43.19 -10.55
C ARG B 145 5.52 43.44 -9.39
N LYS B 146 5.20 42.78 -8.26
CA LYS B 146 6.08 42.72 -7.09
C LYS B 146 5.57 41.82 -5.98
N SER B 147 6.52 41.36 -5.15
CA SER B 147 6.27 40.41 -4.05
C SER B 147 5.41 41.02 -2.95
N PHE B 148 4.33 40.33 -2.64
CA PHE B 148 3.50 40.73 -1.54
C PHE B 148 3.31 39.58 -0.56
N LEU B 149 4.04 38.51 -0.77
CA LEU B 149 4.08 37.45 0.23
C LEU B 149 4.67 38.09 1.50
N HIS B 150 5.64 38.95 1.26
CA HIS B 150 6.33 39.67 2.31
C HIS B 150 5.35 40.31 3.29
N ARG B 151 4.09 40.48 2.90
CA ARG B 151 3.10 41.11 3.80
C ARG B 151 1.77 40.36 3.90
N ILE B 152 1.84 39.08 3.63
CA ILE B 152 0.63 38.28 3.62
C ILE B 152 0.59 37.42 4.84
N VAL B 153 -0.60 37.24 5.40
CA VAL B 153 -0.79 36.35 6.54
C VAL B 153 -1.99 35.41 6.44
N THR B 154 -1.74 34.13 6.70
CA THR B 154 -2.79 33.16 6.55
C THR B 154 -2.92 32.33 7.81
N GLY B 155 -3.91 31.46 7.76
CA GLY B 155 -4.22 30.56 8.84
C GLY B 155 -5.49 29.78 8.50
N ASP B 156 -5.58 28.55 8.92
CA ASP B 156 -6.78 27.78 8.69
C ASP B 156 -7.02 27.00 9.95
N GLU B 157 -7.89 25.99 9.87
CA GLU B 157 -8.26 25.25 11.07
C GLU B 157 -8.47 23.78 10.78
N LYS B 158 -7.71 22.97 11.50
CA LYS B 158 -7.79 21.53 11.32
C LYS B 158 -7.76 20.85 12.68
N TRP B 159 -8.37 19.66 12.75
CA TRP B 159 -8.44 18.86 13.96
C TRP B 159 -7.11 18.34 14.46
N ILE B 160 -7.17 17.61 15.58
CA ILE B 160 -6.00 16.96 16.16
C ILE B 160 -6.47 15.85 17.06
N PHE B 161 -6.71 14.69 16.47
CA PHE B 161 -7.22 13.58 17.24
C PHE B 161 -6.23 13.16 18.33
N PHE B 162 -6.76 12.81 19.48
CA PHE B 162 -5.94 12.47 20.63
C PHE B 162 -5.25 11.13 20.46
N VAL B 163 -5.52 10.48 19.35
CA VAL B 163 -4.89 9.22 19.10
C VAL B 163 -4.66 8.98 17.60
N ASN B 164 -3.43 9.22 17.18
CA ASN B 164 -3.05 8.89 15.83
C ASN B 164 -2.49 7.47 15.81
N PRO B 165 -3.31 6.53 15.35
CA PRO B 165 -2.91 5.13 15.31
C PRO B 165 -2.29 4.84 13.95
N LYS B 166 -1.13 4.26 13.99
CA LYS B 166 -0.37 4.07 12.78
C LYS B 166 -0.51 2.61 12.42
N ARG B 167 -0.82 2.33 11.17
CA ARG B 167 -0.77 0.93 10.72
C ARG B 167 0.70 0.48 10.49
N LYS B 168 1.15 -0.51 11.25
CA LYS B 168 2.59 -0.82 11.26
C LYS B 168 3.02 -1.87 10.25
N LYS B 169 4.04 -1.53 9.45
CA LYS B 169 4.64 -2.43 8.42
C LYS B 169 5.92 -3.15 8.91
N SER B 170 5.93 -4.46 8.79
CA SER B 170 6.96 -5.24 9.44
C SER B 170 7.68 -6.17 8.50
N TYR B 171 8.97 -6.42 8.84
CA TYR B 171 9.92 -7.21 8.02
C TYR B 171 9.87 -8.62 8.48
N VAL B 172 9.55 -9.55 7.58
CA VAL B 172 9.59 -10.95 7.98
C VAL B 172 9.45 -12.04 6.92
N ASP B 173 9.91 -13.23 7.31
CA ASP B 173 9.85 -14.39 6.43
C ASP B 173 8.46 -14.36 5.84
N PRO B 174 8.30 -14.88 4.60
CA PRO B 174 7.01 -14.95 3.97
C PRO B 174 6.07 -15.87 4.70
N GLY B 175 4.78 -15.51 4.63
CA GLY B 175 3.71 -16.29 5.23
C GLY B 175 3.62 -15.96 6.68
N GLN B 176 4.51 -15.07 7.10
CA GLN B 176 4.57 -14.67 8.46
C GLN B 176 3.72 -13.41 8.64
N PRO B 177 2.90 -13.41 9.68
CA PRO B 177 2.00 -12.33 10.02
C PRO B 177 2.70 -11.09 10.56
N ALA B 178 2.16 -9.93 10.18
CA ALA B 178 2.78 -8.66 10.56
C ALA B 178 2.19 -8.14 11.83
N THR B 179 2.83 -7.12 12.36
CA THR B 179 2.31 -6.45 13.53
C THR B 179 0.95 -5.81 13.29
N SER B 180 -0.01 -6.23 14.11
CA SER B 180 -1.40 -5.79 14.04
C SER B 180 -1.62 -4.61 14.95
N THR B 181 -2.32 -3.59 14.46
CA THR B 181 -2.58 -2.38 15.25
C THR B 181 -4.05 -2.07 15.30
N ALA B 182 -4.47 -1.60 16.47
CA ALA B 182 -5.88 -1.39 16.82
C ALA B 182 -6.52 -0.15 16.20
N ARG B 183 -7.60 -0.34 15.48
CA ARG B 183 -8.23 0.72 14.73
C ARG B 183 -8.54 1.93 15.60
N PRO B 184 -8.68 3.11 14.98
CA PRO B 184 -9.00 4.29 15.77
C PRO B 184 -10.47 4.38 16.14
N ASN B 185 -10.76 5.08 17.23
CA ASN B 185 -12.15 5.28 17.62
C ASN B 185 -12.72 6.49 16.91
N ARG B 186 -13.67 6.25 16.01
CA ARG B 186 -14.23 7.31 15.15
C ARG B 186 -14.74 8.49 15.94
N PHE B 187 -15.11 8.27 17.21
CA PHE B 187 -15.66 9.33 18.10
C PHE B 187 -14.91 9.63 19.41
N GLY B 188 -13.63 9.92 19.33
CA GLY B 188 -12.82 10.02 20.54
C GLY B 188 -12.29 11.43 20.69
N LYS B 189 -11.72 11.67 21.87
CA LYS B 189 -11.22 12.99 22.23
C LYS B 189 -10.44 13.52 21.04
N LYS B 190 -10.70 14.79 20.73
CA LYS B 190 -10.02 15.49 19.66
C LYS B 190 -10.26 17.00 19.79
N THR B 191 -9.20 17.79 19.79
CA THR B 191 -9.32 19.23 19.91
C THR B 191 -9.11 19.82 18.55
N MET B 192 -9.85 20.88 18.27
CA MET B 192 -9.77 21.46 16.94
C MET B 192 -9.03 22.79 16.96
N LEU B 193 -7.72 22.70 17.05
CA LEU B 193 -6.88 23.88 16.95
C LEU B 193 -7.00 24.59 15.61
N CYS B 194 -6.88 25.91 15.69
CA CYS B 194 -6.82 26.77 14.53
C CYS B 194 -5.74 27.82 14.75
N VAL B 195 -4.94 28.07 13.72
CA VAL B 195 -3.83 29.01 13.84
C VAL B 195 -3.68 29.92 12.64
N TRP B 196 -2.94 31.00 12.83
CA TRP B 196 -2.62 32.00 11.81
C TRP B 196 -1.10 32.19 11.81
N TRP B 197 -0.56 32.73 10.74
CA TRP B 197 0.89 32.87 10.66
C TRP B 197 1.28 33.57 9.38
N ASP B 198 2.60 33.79 9.23
CA ASP B 198 3.18 34.35 8.00
C ASP B 198 4.68 34.12 7.87
N GLN B 199 5.18 34.33 6.65
CA GLN B 199 6.55 33.98 6.25
C GLN B 199 7.56 33.99 7.39
N SER B 200 7.53 35.05 8.21
CA SER B 200 8.48 35.26 9.30
C SER B 200 8.27 34.33 10.48
N GLY B 201 7.12 33.68 10.52
CA GLY B 201 6.86 32.73 11.59
C GLY B 201 5.39 32.70 11.92
N VAL B 202 5.04 31.90 12.92
CA VAL B 202 3.66 31.81 13.38
C VAL B 202 3.25 33.15 13.94
N ILE B 203 2.08 33.21 14.56
CA ILE B 203 1.59 34.49 15.06
C ILE B 203 0.72 34.35 16.28
N TYR B 204 -0.46 33.77 16.09
CA TYR B 204 -1.37 33.50 17.19
C TYR B 204 -2.12 32.19 16.97
N TYR B 205 -2.26 31.38 18.01
CA TYR B 205 -2.97 30.11 17.87
C TYR B 205 -3.80 29.71 19.08
N GLU B 206 -5.04 29.38 18.80
CA GLU B 206 -5.98 28.96 19.83
C GLU B 206 -6.19 27.48 19.57
N LEU B 207 -6.34 26.71 20.66
CA LEU B 207 -6.71 25.31 20.58
C LEU B 207 -8.04 25.13 21.29
N LEU B 208 -9.10 24.89 20.51
CA LEU B 208 -10.43 24.73 21.08
C LEU B 208 -10.43 23.65 22.11
N LYS B 209 -11.47 23.64 22.93
CA LYS B 209 -11.66 22.60 23.94
C LYS B 209 -12.27 21.43 23.21
N PRO B 210 -11.94 20.19 23.65
CA PRO B 210 -12.50 18.99 23.06
C PRO B 210 -14.01 19.11 22.84
N GLY B 211 -14.40 19.04 21.57
CA GLY B 211 -15.79 19.16 21.16
C GLY B 211 -16.27 20.58 20.98
N GLU B 212 -15.34 21.53 20.94
CA GLU B 212 -15.69 22.94 20.77
C GLU B 212 -16.13 23.21 19.32
N THR B 213 -16.62 24.42 19.08
CA THR B 213 -17.16 24.83 17.78
C THR B 213 -16.74 26.26 17.40
N VAL B 214 -16.71 26.53 16.09
CA VAL B 214 -16.46 27.89 15.54
C VAL B 214 -17.73 28.51 14.87
N ASN B 215 -18.20 29.56 15.52
CA ASN B 215 -19.35 30.32 15.05
C ASN B 215 -18.89 31.67 14.52
N ALA B 216 -19.82 32.37 13.86
CA ALA B 216 -19.52 33.63 13.16
C ALA B 216 -18.89 34.58 14.16
N ALA B 217 -19.51 34.70 15.33
CA ALA B 217 -18.96 35.55 16.37
C ALA B 217 -17.63 34.95 16.82
N ARG B 218 -17.71 33.69 17.20
CA ARG B 218 -16.57 32.97 17.65
C ARG B 218 -15.38 33.39 16.84
N TYR B 219 -15.56 33.28 15.51
CA TYR B 219 -14.50 33.61 14.56
C TYR B 219 -13.95 34.98 14.87
N GLN B 220 -14.88 35.95 14.84
CA GLN B 220 -14.58 37.37 15.05
C GLN B 220 -13.64 37.51 16.23
N GLN B 221 -14.21 37.25 17.40
CA GLN B 221 -13.46 37.30 18.64
C GLN B 221 -12.01 36.88 18.43
N GLN B 222 -11.80 35.86 17.62
CA GLN B 222 -10.47 35.34 17.36
C GLN B 222 -9.57 36.29 16.55
N LEU B 223 -10.09 36.80 15.44
CA LEU B 223 -9.31 37.76 14.67
C LEU B 223 -8.81 38.79 15.65
N ILE B 224 -9.75 39.33 16.41
CA ILE B 224 -9.46 40.37 17.38
C ILE B 224 -8.21 39.97 18.17
N ASN B 225 -8.36 38.92 18.98
CA ASN B 225 -7.27 38.46 19.85
C ASN B 225 -6.04 38.39 18.98
N LEU B 226 -6.24 37.88 17.78
CA LEU B 226 -5.20 37.80 16.77
C LEU B 226 -4.52 39.14 16.62
N ASN B 227 -5.30 40.13 16.19
CA ASN B 227 -4.78 41.47 15.95
C ASN B 227 -3.89 41.97 17.07
N ARG B 228 -4.46 42.02 18.28
CA ARG B 228 -3.73 42.49 19.46
C ARG B 228 -2.36 41.84 19.53
N ALA B 229 -2.35 40.55 19.27
CA ALA B 229 -1.11 39.82 19.25
C ALA B 229 -0.28 40.23 18.02
N LEU B 230 -0.95 40.44 16.89
CA LEU B 230 -0.26 40.74 15.65
C LEU B 230 0.58 42.01 15.81
N GLN B 231 -0.12 43.09 16.07
CA GLN B 231 0.50 44.40 16.17
C GLN B 231 1.74 44.32 17.04
N ARG B 232 1.60 43.67 18.19
CA ARG B 232 2.68 43.62 19.17
C ARG B 232 3.79 42.74 18.66
N LYS B 233 3.42 41.58 18.15
CA LYS B 233 4.39 40.60 17.67
C LYS B 233 5.04 41.10 16.37
N ARG B 234 4.28 41.89 15.60
CA ARG B 234 4.75 42.41 14.31
C ARG B 234 4.84 43.94 14.24
N PRO B 235 6.06 44.47 14.18
CA PRO B 235 6.26 45.90 14.05
C PRO B 235 5.63 46.43 12.78
N GLU B 236 6.37 46.31 11.67
CA GLU B 236 5.97 46.81 10.37
C GLU B 236 4.46 46.99 10.25
N TYR B 237 3.71 45.93 10.57
CA TYR B 237 2.26 45.93 10.41
C TYR B 237 1.56 46.93 11.33
N GLN B 238 2.34 47.84 11.90
CA GLN B 238 1.81 48.87 12.78
C GLN B 238 2.41 50.25 12.45
N ARG B 243 -0.87 47.56 3.83
CA ARG B 243 -1.82 46.76 4.61
C ARG B 243 -1.32 45.35 4.83
N VAL B 244 -2.07 44.57 5.60
CA VAL B 244 -1.77 43.17 5.83
C VAL B 244 -2.74 42.26 5.09
N ILE B 245 -2.16 41.37 4.28
CA ILE B 245 -2.92 40.46 3.43
C ILE B 245 -3.38 39.21 4.14
N PHE B 246 -4.69 39.08 4.30
CA PHE B 246 -5.25 37.93 4.99
C PHE B 246 -5.74 36.92 3.95
N LEU B 247 -5.45 35.66 4.24
CA LEU B 247 -5.82 34.60 3.34
C LEU B 247 -6.44 33.49 4.13
N HIS B 248 -7.72 33.24 3.89
CA HIS B 248 -8.45 32.17 4.59
C HIS B 248 -9.53 31.57 3.72
N ASP B 249 -9.88 30.32 4.03
CA ASP B 249 -10.80 29.53 3.18
C ASP B 249 -12.22 30.03 3.24
N ASN B 250 -12.88 29.95 2.10
CA ASN B 250 -14.27 30.34 1.99
C ASN B 250 -15.21 29.48 2.84
N ALA B 251 -14.88 29.27 4.11
CA ALA B 251 -15.82 28.61 5.01
C ALA B 251 -17.19 29.31 4.97
N PRO B 252 -18.13 28.80 5.76
CA PRO B 252 -19.34 29.56 5.87
C PRO B 252 -19.17 30.60 6.98
N SER B 253 -18.24 30.32 7.88
CA SER B 253 -17.99 31.17 9.02
C SER B 253 -16.97 32.26 8.70
N HIS B 254 -16.28 32.13 7.58
CA HIS B 254 -15.33 33.15 7.18
C HIS B 254 -15.97 33.99 6.09
N THR B 255 -17.07 33.48 5.56
CA THR B 255 -17.82 34.18 4.56
C THR B 255 -19.02 34.79 5.31
N ALA B 256 -18.77 35.13 6.58
CA ALA B 256 -19.77 35.71 7.48
C ALA B 256 -20.17 37.12 7.07
N ARG B 257 -21.47 37.40 7.11
CA ARG B 257 -21.94 38.69 6.75
C ARG B 257 -21.27 39.64 7.71
N ALA B 258 -21.22 39.22 8.98
CA ALA B 258 -20.66 40.06 10.07
C ALA B 258 -19.16 40.27 9.89
N VAL B 259 -18.44 39.17 9.81
CA VAL B 259 -16.99 39.19 9.69
C VAL B 259 -16.53 39.89 8.41
N ARG B 260 -17.26 39.70 7.32
CA ARG B 260 -16.93 40.41 6.11
C ARG B 260 -16.85 41.85 6.53
N ASP B 261 -17.79 42.22 7.40
CA ASP B 261 -17.91 43.59 7.96
C ASP B 261 -17.02 43.81 9.20
N THR B 262 -16.59 42.73 9.85
CA THR B 262 -15.71 42.81 11.03
C THR B 262 -14.28 42.88 10.54
N LEU B 263 -14.12 42.52 9.29
CA LEU B 263 -12.84 42.53 8.67
C LEU B 263 -12.72 43.90 8.04
N GLU B 264 -13.64 44.22 7.13
CA GLU B 264 -13.64 45.50 6.43
C GLU B 264 -13.41 46.64 7.40
N THR B 265 -14.19 46.65 8.49
CA THR B 265 -14.04 47.67 9.55
C THR B 265 -12.75 47.42 10.36
N LEU B 266 -11.86 46.62 9.81
CA LEU B 266 -10.61 46.31 10.47
C LEU B 266 -9.52 46.66 9.49
N ASN B 267 -9.91 46.72 8.23
CA ASN B 267 -9.01 47.04 7.15
C ASN B 267 -7.86 46.02 7.05
N TRP B 268 -8.02 45.09 6.12
CA TRP B 268 -7.03 44.06 5.83
C TRP B 268 -7.30 43.59 4.41
N GLU B 269 -6.25 43.27 3.66
CA GLU B 269 -6.46 42.85 2.29
C GLU B 269 -7.00 41.47 2.33
N VAL B 270 -8.27 41.33 1.99
CA VAL B 270 -8.96 40.04 1.98
C VAL B 270 -8.60 39.22 0.73
N LEU B 271 -7.40 38.66 0.77
CA LEU B 271 -6.84 37.96 -0.36
C LEU B 271 -7.78 36.87 -0.82
N PRO B 272 -7.97 36.77 -2.16
CA PRO B 272 -8.88 35.81 -2.75
C PRO B 272 -8.33 34.39 -2.61
N HIS B 273 -9.20 33.40 -2.73
CA HIS B 273 -8.79 31.99 -2.60
C HIS B 273 -10.01 31.18 -3.01
N ALA B 274 -9.90 30.62 -4.20
CA ALA B 274 -11.00 29.88 -4.81
C ALA B 274 -11.64 28.88 -3.85
N ALA B 275 -12.74 28.26 -4.28
CA ALA B 275 -13.38 27.22 -3.49
C ALA B 275 -12.60 25.92 -3.61
N TYR B 276 -12.61 25.10 -2.57
CA TYR B 276 -11.95 23.79 -2.60
C TYR B 276 -10.53 23.79 -3.12
N SER B 277 -9.74 24.74 -2.65
CA SER B 277 -8.37 24.82 -3.08
C SER B 277 -7.42 24.82 -1.88
N PRO B 278 -7.40 23.70 -1.17
CA PRO B 278 -6.60 23.54 0.04
C PRO B 278 -5.17 23.36 -0.36
N ASP B 279 -4.97 23.10 -1.65
CA ASP B 279 -3.65 22.95 -2.22
C ASP B 279 -3.13 24.28 -2.60
N LEU B 280 -3.90 25.28 -2.26
CA LEU B 280 -3.55 26.66 -2.50
C LEU B 280 -3.43 27.35 -1.15
N ALA B 281 -3.73 26.58 -0.09
CA ALA B 281 -3.71 27.11 1.27
C ALA B 281 -2.46 26.67 2.01
N PRO B 282 -1.51 27.58 2.11
CA PRO B 282 -0.28 27.33 2.81
C PRO B 282 -0.49 26.63 4.13
N SER B 283 -1.29 27.25 4.97
CA SER B 283 -1.58 26.65 6.25
C SER B 283 -1.92 25.18 6.01
N ASP B 284 -2.79 24.93 5.04
CA ASP B 284 -3.19 23.57 4.72
C ASP B 284 -2.05 22.75 4.24
N TYR B 285 -1.67 22.93 2.97
CA TYR B 285 -0.69 22.06 2.28
C TYR B 285 0.69 22.00 2.91
N HIS B 286 1.20 23.11 3.39
CA HIS B 286 2.59 23.14 3.83
C HIS B 286 2.74 23.10 5.35
N LEU B 287 1.75 23.56 6.08
CA LEU B 287 1.91 23.70 7.52
C LEU B 287 1.34 22.54 8.26
N PHE B 288 0.04 22.34 8.08
CA PHE B 288 -0.66 21.19 8.61
C PHE B 288 -0.01 19.88 8.10
N ALA B 289 0.44 19.97 6.87
CA ALA B 289 1.01 18.83 6.26
C ALA B 289 2.21 18.47 7.09
N SER B 290 3.12 19.41 7.22
CA SER B 290 4.31 19.08 7.98
C SER B 290 3.87 18.40 9.28
N MET B 291 2.92 19.04 9.98
CA MET B 291 2.43 18.55 11.26
C MET B 291 2.00 17.12 11.01
N GLY B 292 1.04 16.99 10.08
CA GLY B 292 0.48 15.68 9.70
C GLY B 292 1.45 14.56 10.03
N HIS B 293 2.61 14.55 9.36
CA HIS B 293 3.60 13.52 9.60
C HIS B 293 3.91 13.39 11.08
N ALA B 294 4.89 14.15 11.57
CA ALA B 294 5.35 14.02 12.94
C ALA B 294 4.19 14.14 13.94
N LEU B 295 2.97 14.29 13.41
CA LEU B 295 1.79 14.32 14.25
C LEU B 295 1.28 12.91 14.41
N ALA B 296 2.06 11.97 13.88
CA ALA B 296 1.67 10.57 13.79
C ALA B 296 2.23 9.69 14.89
N GLU B 297 1.64 8.48 14.94
CA GLU B 297 1.89 7.47 15.97
C GLU B 297 1.82 8.07 17.37
N GLN B 298 1.59 9.38 17.41
CA GLN B 298 1.54 10.12 18.64
C GLN B 298 0.18 9.92 19.28
N ARG B 299 0.15 9.79 20.60
CA ARG B 299 -1.07 9.63 21.35
C ARG B 299 -1.07 10.75 22.37
N PHE B 300 -2.24 11.34 22.65
CA PHE B 300 -2.33 12.46 23.58
C PHE B 300 -3.23 12.17 24.76
N ASP B 301 -2.59 12.09 25.93
CA ASP B 301 -3.26 11.76 27.17
C ASP B 301 -4.25 12.83 27.60
N SER B 302 -3.80 14.09 27.59
CA SER B 302 -4.60 15.23 28.05
C SER B 302 -4.46 16.45 27.14
N TYR B 303 -5.59 17.15 26.99
CA TYR B 303 -5.65 18.34 26.14
C TYR B 303 -4.40 19.18 26.34
N GLU B 304 -4.10 19.48 27.59
CA GLU B 304 -2.95 20.33 27.91
C GLU B 304 -1.69 19.78 27.24
N SER B 305 -1.64 18.46 27.08
CA SER B 305 -0.47 17.81 26.51
C SER B 305 -0.32 18.24 25.08
N VAL B 306 -1.46 18.25 24.39
CA VAL B 306 -1.52 18.66 22.99
C VAL B 306 -0.96 20.05 22.82
N LYS B 307 -1.61 21.01 23.47
CA LYS B 307 -1.09 22.35 23.50
C LYS B 307 0.42 22.27 23.79
N LYS B 308 0.77 21.54 24.86
CA LYS B 308 2.15 21.37 25.29
C LYS B 308 3.02 21.01 24.11
N TRP B 309 2.52 20.07 23.33
CA TRP B 309 3.18 19.61 22.13
C TRP B 309 3.17 20.66 21.03
N LEU B 310 2.00 21.23 20.78
CA LEU B 310 1.85 22.22 19.74
C LEU B 310 2.92 23.29 19.89
N ASP B 311 3.20 23.64 21.13
CA ASP B 311 4.18 24.68 21.42
C ASP B 311 5.57 24.26 21.00
N GLU B 312 6.07 23.22 21.64
CA GLU B 312 7.38 22.71 21.33
C GLU B 312 7.55 22.79 19.80
N TRP B 313 6.73 21.99 19.09
CA TRP B 313 6.82 21.89 17.65
C TRP B 313 6.94 23.30 17.05
N PHE B 314 5.81 24.00 16.97
CA PHE B 314 5.74 25.34 16.39
C PHE B 314 7.03 26.13 16.55
N ALA B 315 7.63 25.99 17.71
CA ALA B 315 8.87 26.69 18.04
C ALA B 315 10.07 26.17 17.26
N ALA B 316 10.49 24.97 17.65
CA ALA B 316 11.64 24.28 17.05
C ALA B 316 11.88 24.57 15.56
N LYS B 317 10.79 24.57 14.78
CA LYS B 317 10.84 24.77 13.33
C LYS B 317 11.51 26.08 12.90
N ASP B 318 12.74 25.99 12.38
CA ASP B 318 13.54 27.17 12.03
C ASP B 318 12.70 28.16 11.24
N ASP B 319 12.82 29.44 11.58
CA ASP B 319 12.09 30.47 10.82
C ASP B 319 12.02 30.08 9.35
N GLU B 320 13.16 29.81 8.74
CA GLU B 320 13.22 29.40 7.33
C GLU B 320 11.90 28.76 6.95
N PHE B 321 11.65 27.56 7.48
CA PHE B 321 10.42 26.82 7.23
C PHE B 321 9.35 27.72 6.64
N TYR B 322 8.45 28.18 7.50
CA TYR B 322 7.38 29.10 7.11
C TYR B 322 7.72 29.88 5.84
N TRP B 323 8.83 30.60 5.84
CA TRP B 323 9.21 31.38 4.67
C TRP B 323 8.82 30.58 3.44
N ARG B 324 9.43 29.41 3.31
CA ARG B 324 9.21 28.54 2.16
C ARG B 324 7.74 28.29 1.90
N GLY B 325 7.08 27.73 2.90
CA GLY B 325 5.65 27.50 2.80
C GLY B 325 4.95 28.66 2.16
N ILE B 326 5.19 29.85 2.70
CA ILE B 326 4.54 31.03 2.17
C ILE B 326 5.12 31.37 0.81
N HIS B 327 6.44 31.28 0.69
CA HIS B 327 7.05 31.56 -0.60
C HIS B 327 6.84 30.46 -1.65
N LYS B 328 5.82 29.65 -1.49
CA LYS B 328 5.54 28.66 -2.50
C LYS B 328 4.39 29.09 -3.41
N LEU B 329 3.38 29.71 -2.82
CA LEU B 329 2.21 30.23 -3.57
C LEU B 329 2.45 30.57 -5.04
N PRO B 330 3.58 31.22 -5.30
CA PRO B 330 3.83 31.52 -6.68
C PRO B 330 3.73 30.25 -7.46
N GLU B 331 4.74 29.38 -7.33
CA GLU B 331 4.83 28.13 -8.10
C GLU B 331 3.53 27.38 -8.02
N ARG B 332 2.97 27.34 -6.82
CA ARG B 332 1.69 26.70 -6.61
C ARG B 332 0.68 27.23 -7.59
N TRP B 333 0.30 28.51 -7.49
CA TRP B 333 -0.57 29.03 -8.54
C TRP B 333 -0.03 28.62 -9.90
N GLU B 334 1.18 29.07 -10.22
CA GLU B 334 1.75 28.81 -11.53
C GLU B 334 1.34 27.45 -12.05
N LYS B 335 1.13 26.50 -11.13
CA LYS B 335 0.70 25.18 -11.52
C LYS B 335 -0.78 25.24 -11.67
N CYS B 336 -1.46 25.61 -10.59
CA CYS B 336 -2.93 25.72 -10.54
C CYS B 336 -3.41 26.08 -11.92
N VAL B 337 -2.70 27.05 -12.50
CA VAL B 337 -3.05 27.65 -13.76
C VAL B 337 -2.70 26.69 -14.91
N ALA B 338 -1.42 26.57 -15.18
CA ALA B 338 -0.97 25.66 -16.22
C ALA B 338 -1.83 24.41 -16.26
N SER B 339 -2.39 24.06 -15.12
CA SER B 339 -3.16 22.86 -15.01
C SER B 339 -4.61 23.09 -15.44
N ASP B 340 -4.90 24.32 -15.83
CA ASP B 340 -6.23 24.71 -16.29
C ASP B 340 -7.25 24.64 -15.18
N GLY B 341 -6.78 24.67 -13.94
CA GLY B 341 -7.68 24.68 -12.81
C GLY B 341 -7.88 23.33 -12.16
N LYS B 342 -7.70 22.26 -12.93
CA LYS B 342 -7.73 20.92 -12.36
C LYS B 342 -6.71 20.94 -11.22
N TYR B 343 -6.78 20.00 -10.29
CA TYR B 343 -5.77 19.97 -9.23
C TYR B 343 -4.45 19.68 -9.90
N PHE B 344 -3.42 19.40 -9.14
CA PHE B 344 -2.21 19.05 -9.82
C PHE B 344 -1.25 18.16 -9.07
N GLU B 345 -0.25 17.68 -9.82
CA GLU B 345 0.82 16.84 -9.29
C GLU B 345 1.93 17.77 -8.78
#